data_1CQ0
# 
_entry.id   1CQ0 
# 
_audit_conform.dict_name       mmcif_pdbx.dic 
_audit_conform.dict_version    5.390 
_audit_conform.dict_location   http://mmcif.pdb.org/dictionaries/ascii/mmcif_pdbx.dic 
# 
loop_
_database_2.database_id 
_database_2.database_code 
_database_2.pdbx_database_accession 
_database_2.pdbx_DOI 
PDB   1CQ0         pdb_00001cq0 10.2210/pdb1cq0/pdb 
RCSB  RCSB009477   ?            ?                   
WWPDB D_1000009477 ?            ?                   
# 
loop_
_pdbx_audit_revision_history.ordinal 
_pdbx_audit_revision_history.data_content_type 
_pdbx_audit_revision_history.major_revision 
_pdbx_audit_revision_history.minor_revision 
_pdbx_audit_revision_history.revision_date 
1 'Structure model' 1 0 2000-01-10 
2 'Structure model' 1 1 2008-04-27 
3 'Structure model' 1 2 2011-07-13 
4 'Structure model' 1 3 2018-03-14 
5 'Structure model' 1 4 2024-04-10 
# 
_pdbx_audit_revision_details.ordinal             1 
_pdbx_audit_revision_details.revision_ordinal    1 
_pdbx_audit_revision_details.data_content_type   'Structure model' 
_pdbx_audit_revision_details.provider            repository 
_pdbx_audit_revision_details.type                'Initial release' 
_pdbx_audit_revision_details.description         ? 
_pdbx_audit_revision_details.details             ? 
# 
loop_
_pdbx_audit_revision_group.ordinal 
_pdbx_audit_revision_group.revision_ordinal 
_pdbx_audit_revision_group.data_content_type 
_pdbx_audit_revision_group.group 
1 2 'Structure model' 'Version format compliance' 
2 3 'Structure model' 'Version format compliance' 
3 4 'Structure model' 'Data collection'           
4 4 'Structure model' 'Derived calculations'      
5 5 'Structure model' 'Data collection'           
6 5 'Structure model' 'Database references'       
# 
loop_
_pdbx_audit_revision_category.ordinal 
_pdbx_audit_revision_category.revision_ordinal 
_pdbx_audit_revision_category.data_content_type 
_pdbx_audit_revision_category.category 
1 4 'Structure model' pdbx_nmr_spectrometer     
2 4 'Structure model' pdbx_struct_assembly      
3 4 'Structure model' pdbx_struct_assembly_prop 
4 4 'Structure model' pdbx_struct_oper_list     
5 5 'Structure model' chem_comp_atom            
6 5 'Structure model' chem_comp_bond            
7 5 'Structure model' database_2                
# 
loop_
_pdbx_audit_revision_item.ordinal 
_pdbx_audit_revision_item.revision_ordinal 
_pdbx_audit_revision_item.data_content_type 
_pdbx_audit_revision_item.item 
1 4 'Structure model' '_pdbx_nmr_spectrometer.field_strength' 
2 5 'Structure model' '_database_2.pdbx_DOI'                  
3 5 'Structure model' '_database_2.pdbx_database_accession'   
# 
_pdbx_database_status.status_code                     REL 
_pdbx_database_status.entry_id                        1CQ0 
_pdbx_database_status.recvd_initial_deposition_date   1999-08-04 
_pdbx_database_status.deposit_site                    RCSB 
_pdbx_database_status.process_site                    RCSB 
_pdbx_database_status.status_code_mr                  REL 
_pdbx_database_status.SG_entry                        . 
_pdbx_database_status.pdb_format_compatible           Y 
_pdbx_database_status.status_code_sf                  ? 
_pdbx_database_status.status_code_cs                  ? 
_pdbx_database_status.methods_development_category    ? 
_pdbx_database_status.status_code_nmr_data            ? 
# 
loop_
_audit_author.name 
_audit_author.pdbx_ordinal 
'Lee, K.-H.'  1 
'Bang, E.J.'  2 
'Chae, K.-J.' 3 
'Lee, D.W.'   4 
'Lee, W.'     5 
# 
_citation.id                        primary 
_citation.title                     'Solution structure of a new hypothalamic neuropeptide, human hypocretin-2/orexin-B.' 
_citation.journal_abbrev            Eur.J.Biochem. 
_citation.journal_volume            266 
_citation.page_first                831 
_citation.page_last                 839 
_citation.year                      1999 
_citation.journal_id_ASTM           EJBCAI 
_citation.country                   IX 
_citation.journal_id_ISSN           0014-2956 
_citation.journal_id_CSD            0262 
_citation.book_publisher            ? 
_citation.pdbx_database_id_PubMed   10583376 
_citation.pdbx_database_id_DOI      10.1046/j.1432-1327.1999.00911.x 
# 
loop_
_citation_author.citation_id 
_citation_author.name 
_citation_author.ordinal 
_citation_author.identifier_ORCID 
primary 'Lee, J.H.'  1 ? 
primary 'Bang, E.'   2 ? 
primary 'Chae, K.J.' 3 ? 
primary 'Kim, J.Y.'  4 ? 
primary 'Lee, D.W.'  5 ? 
primary 'Lee, W.'    6 ? 
# 
_entity.id                         1 
_entity.type                       polymer 
_entity.src_method                 nat 
_entity.pdbx_description           'PROTEIN (NEW HYPOTHALAMIC NEUROPEPTIDE/OREXIN-B28)' 
_entity.formula_weight             2894.336 
_entity.pdbx_number_of_molecules   1 
_entity.pdbx_ec                    ? 
_entity.pdbx_mutation              ? 
_entity.pdbx_fragment              'HUMAN HYPOCRETIN-2' 
_entity.details                    'SYNTHETIC PEPTIDE' 
# 
_entity_poly.entity_id                      1 
_entity_poly.type                           'polypeptide(L)' 
_entity_poly.nstd_linkage                   no 
_entity_poly.nstd_monomer                   no 
_entity_poly.pdbx_seq_one_letter_code       FSGPPGLQGRLQRLLQASGNHAAGILTM 
_entity_poly.pdbx_seq_one_letter_code_can   FSGPPGLQGRLQRLLQASGNHAAGILTM 
_entity_poly.pdbx_strand_id                 A 
_entity_poly.pdbx_target_identifier         ? 
# 
loop_
_entity_poly_seq.entity_id 
_entity_poly_seq.num 
_entity_poly_seq.mon_id 
_entity_poly_seq.hetero 
1 1  PHE n 
1 2  SER n 
1 3  GLY n 
1 4  PRO n 
1 5  PRO n 
1 6  GLY n 
1 7  LEU n 
1 8  GLN n 
1 9  GLY n 
1 10 ARG n 
1 11 LEU n 
1 12 GLN n 
1 13 ARG n 
1 14 LEU n 
1 15 LEU n 
1 16 GLN n 
1 17 ALA n 
1 18 SER n 
1 19 GLY n 
1 20 ASN n 
1 21 HIS n 
1 22 ALA n 
1 23 ALA n 
1 24 GLY n 
1 25 ILE n 
1 26 LEU n 
1 27 THR n 
1 28 MET n 
# 
_entity_src_nat.entity_id                  1 
_entity_src_nat.pdbx_src_id                1 
_entity_src_nat.pdbx_alt_source_flag       sample 
_entity_src_nat.pdbx_beg_seq_num           ? 
_entity_src_nat.pdbx_end_seq_num           ? 
_entity_src_nat.common_name                human 
_entity_src_nat.pdbx_organism_scientific   'Homo sapiens' 
_entity_src_nat.pdbx_ncbi_taxonomy_id      9606 
_entity_src_nat.genus                      Homo 
_entity_src_nat.species                    ? 
_entity_src_nat.strain                     ? 
_entity_src_nat.tissue                     ? 
_entity_src_nat.tissue_fraction            ? 
_entity_src_nat.pdbx_secretion             ? 
_entity_src_nat.pdbx_fragment              ? 
_entity_src_nat.pdbx_variant               ? 
_entity_src_nat.pdbx_cell_line             ? 
_entity_src_nat.pdbx_atcc                  ? 
_entity_src_nat.pdbx_cellular_location     ? 
_entity_src_nat.pdbx_organ                 ? 
_entity_src_nat.pdbx_organelle             ? 
_entity_src_nat.pdbx_cell                  ? 
_entity_src_nat.pdbx_plasmid_name          ? 
_entity_src_nat.pdbx_plasmid_details       ? 
_entity_src_nat.details                    SYNTHETIC 
# 
loop_
_chem_comp.id 
_chem_comp.type 
_chem_comp.mon_nstd_flag 
_chem_comp.name 
_chem_comp.pdbx_synonyms 
_chem_comp.formula 
_chem_comp.formula_weight 
ALA 'L-peptide linking' y ALANINE       ? 'C3 H7 N O2'     89.093  
ARG 'L-peptide linking' y ARGININE      ? 'C6 H15 N4 O2 1' 175.209 
ASN 'L-peptide linking' y ASPARAGINE    ? 'C4 H8 N2 O3'    132.118 
GLN 'L-peptide linking' y GLUTAMINE     ? 'C5 H10 N2 O3'   146.144 
GLY 'peptide linking'   y GLYCINE       ? 'C2 H5 N O2'     75.067  
HIS 'L-peptide linking' y HISTIDINE     ? 'C6 H10 N3 O2 1' 156.162 
ILE 'L-peptide linking' y ISOLEUCINE    ? 'C6 H13 N O2'    131.173 
LEU 'L-peptide linking' y LEUCINE       ? 'C6 H13 N O2'    131.173 
MET 'L-peptide linking' y METHIONINE    ? 'C5 H11 N O2 S'  149.211 
PHE 'L-peptide linking' y PHENYLALANINE ? 'C9 H11 N O2'    165.189 
PRO 'L-peptide linking' y PROLINE       ? 'C5 H9 N O2'     115.130 
SER 'L-peptide linking' y SERINE        ? 'C3 H7 N O3'     105.093 
THR 'L-peptide linking' y THREONINE     ? 'C4 H9 N O3'     119.119 
# 
loop_
_pdbx_poly_seq_scheme.asym_id 
_pdbx_poly_seq_scheme.entity_id 
_pdbx_poly_seq_scheme.seq_id 
_pdbx_poly_seq_scheme.mon_id 
_pdbx_poly_seq_scheme.ndb_seq_num 
_pdbx_poly_seq_scheme.pdb_seq_num 
_pdbx_poly_seq_scheme.auth_seq_num 
_pdbx_poly_seq_scheme.pdb_mon_id 
_pdbx_poly_seq_scheme.auth_mon_id 
_pdbx_poly_seq_scheme.pdb_strand_id 
_pdbx_poly_seq_scheme.pdb_ins_code 
_pdbx_poly_seq_scheme.hetero 
A 1 1  PHE 1  1  1  PHE PHE A . n 
A 1 2  SER 2  2  2  SER SER A . n 
A 1 3  GLY 3  3  3  GLY GLY A . n 
A 1 4  PRO 4  4  4  PRO PRO A . n 
A 1 5  PRO 5  5  5  PRO PRO A . n 
A 1 6  GLY 6  6  6  GLY GLY A . n 
A 1 7  LEU 7  7  7  LEU LEU A . n 
A 1 8  GLN 8  8  8  GLN GLN A . n 
A 1 9  GLY 9  9  9  GLY GLY A . n 
A 1 10 ARG 10 10 10 ARG ARG A . n 
A 1 11 LEU 11 11 11 LEU LEU A . n 
A 1 12 GLN 12 12 12 GLN GLN A . n 
A 1 13 ARG 13 13 13 ARG ARG A . n 
A 1 14 LEU 14 14 14 LEU LEU A . n 
A 1 15 LEU 15 15 15 LEU LEU A . n 
A 1 16 GLN 16 16 16 GLN GLN A . n 
A 1 17 ALA 17 17 17 ALA ALA A . n 
A 1 18 SER 18 18 18 SER SER A . n 
A 1 19 GLY 19 19 19 GLY GLY A . n 
A 1 20 ASN 20 20 20 ASN ASN A . n 
A 1 21 HIS 21 21 21 HIS HIS A . n 
A 1 22 ALA 22 22 22 ALA ALA A . n 
A 1 23 ALA 23 23 23 ALA ALA A . n 
A 1 24 GLY 24 24 24 GLY GLY A . n 
A 1 25 ILE 25 25 25 ILE ILE A . n 
A 1 26 LEU 26 26 26 LEU LEU A . n 
A 1 27 THR 27 27 27 THR THR A . n 
A 1 28 MET 28 28 28 MET MET A . n 
# 
_cell.entry_id           1CQ0 
_cell.length_a           1.000 
_cell.length_b           1.000 
_cell.length_c           1.000 
_cell.angle_alpha        90.00 
_cell.angle_beta         90.00 
_cell.angle_gamma        90.00 
_cell.Z_PDB              1 
_cell.pdbx_unique_axis   ? 
# 
_symmetry.entry_id                         1CQ0 
_symmetry.space_group_name_H-M             'P 1' 
_symmetry.pdbx_full_space_group_name_H-M   ? 
_symmetry.cell_setting                     ? 
_symmetry.Int_Tables_number                1 
# 
_exptl.entry_id          1CQ0 
_exptl.method            'SOLUTION NMR' 
_exptl.crystals_number   ? 
# 
_struct.entry_id                  1CQ0 
_struct.title                     
;SOLUTION STRUCTURE OF A HUMAN HYPOCRETIN-2/OREXIN-B'SOLUTION STRUCTURE OF A HUMAN HYPOCRETIN-2/OREXIN-B '
;
_struct.pdbx_model_details        ? 
_struct.pdbx_CASP_flag            ? 
_struct.pdbx_model_type_details   ? 
# 
_struct_keywords.entry_id        1CQ0 
_struct_keywords.pdbx_keywords   'DE NOVO PROTEIN' 
_struct_keywords.text            'OBESITY, HUMAN HCRT-2/OX-B, NEUROPEPTIDE, SOLUTION STRUCTURE, DE NOVO PROTEIN' 
# 
_struct_asym.id                            A 
_struct_asym.pdbx_blank_PDB_chainid_flag   N 
_struct_asym.pdbx_modified                 N 
_struct_asym.entity_id                     1 
_struct_asym.details                       ? 
# 
_struct_ref.id                         1 
_struct_ref.db_name                    UNP 
_struct_ref.db_code                    OREX_HUMAN 
_struct_ref.pdbx_db_accession          O43612 
_struct_ref.entity_id                  1 
_struct_ref.pdbx_align_begin           71 
_struct_ref.pdbx_db_isoform            ? 
_struct_ref.pdbx_seq_one_letter_code   ? 
# 
_struct_ref_seq.align_id                      1 
_struct_ref_seq.ref_id                        1 
_struct_ref_seq.pdbx_PDB_id_code              1CQ0 
_struct_ref_seq.pdbx_strand_id                A 
_struct_ref_seq.seq_align_beg                 2 
_struct_ref_seq.pdbx_seq_align_beg_ins_code   ? 
_struct_ref_seq.seq_align_end                 28 
_struct_ref_seq.pdbx_seq_align_end_ins_code   ? 
_struct_ref_seq.pdbx_db_accession             O43612 
_struct_ref_seq.db_align_beg                  71 
_struct_ref_seq.pdbx_db_align_beg_ins_code    ? 
_struct_ref_seq.db_align_end                  97 
_struct_ref_seq.pdbx_db_align_end_ins_code    ? 
_struct_ref_seq.pdbx_auth_seq_align_beg       2 
_struct_ref_seq.pdbx_auth_seq_align_end       28 
# 
_pdbx_struct_assembly.id                   1 
_pdbx_struct_assembly.details              author_defined_assembly 
_pdbx_struct_assembly.method_details       ? 
_pdbx_struct_assembly.oligomeric_details   monomeric 
_pdbx_struct_assembly.oligomeric_count     1 
# 
loop_
_pdbx_struct_assembly_prop.biol_id 
_pdbx_struct_assembly_prop.type 
_pdbx_struct_assembly_prop.value 
_pdbx_struct_assembly_prop.details 
1 'ABSA (A^2)' 0    ? 
1 MORE         0    ? 
1 'SSA (A^2)'  2750 ? 
# 
_pdbx_struct_assembly_gen.assembly_id       1 
_pdbx_struct_assembly_gen.oper_expression   1 
_pdbx_struct_assembly_gen.asym_id_list      A 
# 
_pdbx_struct_oper_list.id                   1 
_pdbx_struct_oper_list.type                 'identity operation' 
_pdbx_struct_oper_list.name                 1_555 
_pdbx_struct_oper_list.symmetry_operation   ? 
_pdbx_struct_oper_list.matrix[1][1]         1.0000000000 
_pdbx_struct_oper_list.matrix[1][2]         0.0000000000 
_pdbx_struct_oper_list.matrix[1][3]         0.0000000000 
_pdbx_struct_oper_list.vector[1]            0.0000000000 
_pdbx_struct_oper_list.matrix[2][1]         0.0000000000 
_pdbx_struct_oper_list.matrix[2][2]         1.0000000000 
_pdbx_struct_oper_list.matrix[2][3]         0.0000000000 
_pdbx_struct_oper_list.vector[2]            0.0000000000 
_pdbx_struct_oper_list.matrix[3][1]         0.0000000000 
_pdbx_struct_oper_list.matrix[3][2]         0.0000000000 
_pdbx_struct_oper_list.matrix[3][3]         1.0000000000 
_pdbx_struct_oper_list.vector[3]            0.0000000000 
# 
loop_
_struct_conf.conf_type_id 
_struct_conf.id 
_struct_conf.pdbx_PDB_helix_id 
_struct_conf.beg_label_comp_id 
_struct_conf.beg_label_asym_id 
_struct_conf.beg_label_seq_id 
_struct_conf.pdbx_beg_PDB_ins_code 
_struct_conf.end_label_comp_id 
_struct_conf.end_label_asym_id 
_struct_conf.end_label_seq_id 
_struct_conf.pdbx_end_PDB_ins_code 
_struct_conf.beg_auth_comp_id 
_struct_conf.beg_auth_asym_id 
_struct_conf.beg_auth_seq_id 
_struct_conf.end_auth_comp_id 
_struct_conf.end_auth_asym_id 
_struct_conf.end_auth_seq_id 
_struct_conf.pdbx_PDB_helix_class 
_struct_conf.details 
_struct_conf.pdbx_PDB_helix_length 
HELX_P HELX_P1 1 GLY A 6  ? SER A 18 ? GLY A 6  SER A 18 1 ? 13 
HELX_P HELX_P2 2 HIS A 21 ? THR A 27 ? HIS A 21 THR A 27 1 ? 7  
# 
_struct_conf_type.id          HELX_P 
_struct_conf_type.criteria    ? 
_struct_conf_type.reference   ? 
# 
_pdbx_validate_close_contact.id               1 
_pdbx_validate_close_contact.PDB_model_num    1 
_pdbx_validate_close_contact.auth_atom_id_1   O 
_pdbx_validate_close_contact.auth_asym_id_1   A 
_pdbx_validate_close_contact.auth_comp_id_1   LEU 
_pdbx_validate_close_contact.auth_seq_id_1    11 
_pdbx_validate_close_contact.PDB_ins_code_1   ? 
_pdbx_validate_close_contact.label_alt_id_1   ? 
_pdbx_validate_close_contact.auth_atom_id_2   H 
_pdbx_validate_close_contact.auth_asym_id_2   A 
_pdbx_validate_close_contact.auth_comp_id_2   LEU 
_pdbx_validate_close_contact.auth_seq_id_2    15 
_pdbx_validate_close_contact.PDB_ins_code_2   ? 
_pdbx_validate_close_contact.label_alt_id_2   ? 
_pdbx_validate_close_contact.dist             1.51 
# 
loop_
_pdbx_validate_torsion.id 
_pdbx_validate_torsion.PDB_model_num 
_pdbx_validate_torsion.auth_comp_id 
_pdbx_validate_torsion.auth_asym_id 
_pdbx_validate_torsion.auth_seq_id 
_pdbx_validate_torsion.PDB_ins_code 
_pdbx_validate_torsion.label_alt_id 
_pdbx_validate_torsion.phi 
_pdbx_validate_torsion.psi 
1 1 LEU A 7  ? ? -64.59  -87.94 
2 1 LEU A 11 ? ? -69.70  -73.44 
3 1 SER A 18 ? ? -96.99  30.65  
4 1 ASN A 20 ? ? -167.18 -67.90 
5 1 THR A 27 ? ? -159.60 29.11  
# 
loop_
_pdbx_validate_planes.id 
_pdbx_validate_planes.PDB_model_num 
_pdbx_validate_planes.auth_comp_id 
_pdbx_validate_planes.auth_asym_id 
_pdbx_validate_planes.auth_seq_id 
_pdbx_validate_planes.PDB_ins_code 
_pdbx_validate_planes.label_alt_id 
_pdbx_validate_planes.rmsd 
_pdbx_validate_planes.type 
1 1 ARG A 10 ? ? 0.088 'SIDE CHAIN' 
2 1 ARG A 13 ? ? 0.213 'SIDE CHAIN' 
# 
_pdbx_nmr_ensemble.entry_id                                      1CQ0 
_pdbx_nmr_ensemble.conformers_calculated_total_number            25 
_pdbx_nmr_ensemble.conformers_submitted_total_number             1 
_pdbx_nmr_ensemble.conformer_selection_criteria                  'REM AVERAGE CONFORMATION' 
_pdbx_nmr_ensemble.average_constraints_per_residue               ? 
_pdbx_nmr_ensemble.average_constraint_violations_per_residue     ? 
_pdbx_nmr_ensemble.maximum_distance_constraint_violation         ? 
_pdbx_nmr_ensemble.average_distance_constraint_violation         ? 
_pdbx_nmr_ensemble.maximum_upper_distance_constraint_violation   ? 
_pdbx_nmr_ensemble.maximum_lower_distance_constraint_violation   ? 
_pdbx_nmr_ensemble.distance_constraint_violation_method          ? 
_pdbx_nmr_ensemble.maximum_torsion_angle_constraint_violation    ? 
_pdbx_nmr_ensemble.average_torsion_angle_constraint_violation    ? 
_pdbx_nmr_ensemble.torsion_angle_constraint_violation_method     ? 
# 
_pdbx_nmr_sample_details.solution_id      1 
_pdbx_nmr_sample_details.contents         2mM 
_pdbx_nmr_sample_details.solvent_system   ? 
_pdbx_nmr_sample_details.label            ? 
_pdbx_nmr_sample_details.type             ? 
_pdbx_nmr_sample_details.details          ? 
# 
_pdbx_nmr_exptl_sample_conditions.conditions_id          1 
_pdbx_nmr_exptl_sample_conditions.temperature            298 
_pdbx_nmr_exptl_sample_conditions.pressure               1 
_pdbx_nmr_exptl_sample_conditions.pH                     7.0 
_pdbx_nmr_exptl_sample_conditions.ionic_strength         '50 mM Sodium phosphate' 
_pdbx_nmr_exptl_sample_conditions.pressure_units         bar 
_pdbx_nmr_exptl_sample_conditions.temperature_units      K 
_pdbx_nmr_exptl_sample_conditions.label                  ? 
_pdbx_nmr_exptl_sample_conditions.pH_units               ? 
_pdbx_nmr_exptl_sample_conditions.ionic_strength_units   ? 
# 
loop_
_pdbx_nmr_exptl.experiment_id 
_pdbx_nmr_exptl.conditions_id 
_pdbx_nmr_exptl.type 
_pdbx_nmr_exptl.solution_id 
1 1 2D-NOESY 1 
2 1 TOCSY    1 
3 1 DQF-COSY 1 
# 
_pdbx_nmr_refine.entry_id           1CQ0 
_pdbx_nmr_refine.method             'simulated annealing' 
_pdbx_nmr_refine.details            ? 
_pdbx_nmr_refine.software_ordinal   1 
# 
loop_
_pdbx_nmr_software.classification 
_pdbx_nmr_software.name 
_pdbx_nmr_software.version 
_pdbx_nmr_software.authors 
_pdbx_nmr_software.ordinal 
'structure solution' XPLOR 3.85 'AXEL ET AL.' 1 
refinement           XPLOR 3.85 'AXEL ET AL.' 2 
# 
loop_
_chem_comp_atom.comp_id 
_chem_comp_atom.atom_id 
_chem_comp_atom.type_symbol 
_chem_comp_atom.pdbx_aromatic_flag 
_chem_comp_atom.pdbx_stereo_config 
_chem_comp_atom.pdbx_ordinal 
ALA N    N N N 1   
ALA CA   C N S 2   
ALA C    C N N 3   
ALA O    O N N 4   
ALA CB   C N N 5   
ALA OXT  O N N 6   
ALA H    H N N 7   
ALA H2   H N N 8   
ALA HA   H N N 9   
ALA HB1  H N N 10  
ALA HB2  H N N 11  
ALA HB3  H N N 12  
ALA HXT  H N N 13  
ARG N    N N N 14  
ARG CA   C N S 15  
ARG C    C N N 16  
ARG O    O N N 17  
ARG CB   C N N 18  
ARG CG   C N N 19  
ARG CD   C N N 20  
ARG NE   N N N 21  
ARG CZ   C N N 22  
ARG NH1  N N N 23  
ARG NH2  N N N 24  
ARG OXT  O N N 25  
ARG H    H N N 26  
ARG H2   H N N 27  
ARG HA   H N N 28  
ARG HB2  H N N 29  
ARG HB3  H N N 30  
ARG HG2  H N N 31  
ARG HG3  H N N 32  
ARG HD2  H N N 33  
ARG HD3  H N N 34  
ARG HE   H N N 35  
ARG HH11 H N N 36  
ARG HH12 H N N 37  
ARG HH21 H N N 38  
ARG HH22 H N N 39  
ARG HXT  H N N 40  
ASN N    N N N 41  
ASN CA   C N S 42  
ASN C    C N N 43  
ASN O    O N N 44  
ASN CB   C N N 45  
ASN CG   C N N 46  
ASN OD1  O N N 47  
ASN ND2  N N N 48  
ASN OXT  O N N 49  
ASN H    H N N 50  
ASN H2   H N N 51  
ASN HA   H N N 52  
ASN HB2  H N N 53  
ASN HB3  H N N 54  
ASN HD21 H N N 55  
ASN HD22 H N N 56  
ASN HXT  H N N 57  
GLN N    N N N 58  
GLN CA   C N S 59  
GLN C    C N N 60  
GLN O    O N N 61  
GLN CB   C N N 62  
GLN CG   C N N 63  
GLN CD   C N N 64  
GLN OE1  O N N 65  
GLN NE2  N N N 66  
GLN OXT  O N N 67  
GLN H    H N N 68  
GLN H2   H N N 69  
GLN HA   H N N 70  
GLN HB2  H N N 71  
GLN HB3  H N N 72  
GLN HG2  H N N 73  
GLN HG3  H N N 74  
GLN HE21 H N N 75  
GLN HE22 H N N 76  
GLN HXT  H N N 77  
GLY N    N N N 78  
GLY CA   C N N 79  
GLY C    C N N 80  
GLY O    O N N 81  
GLY OXT  O N N 82  
GLY H    H N N 83  
GLY H2   H N N 84  
GLY HA2  H N N 85  
GLY HA3  H N N 86  
GLY HXT  H N N 87  
HIS N    N N N 88  
HIS CA   C N S 89  
HIS C    C N N 90  
HIS O    O N N 91  
HIS CB   C N N 92  
HIS CG   C Y N 93  
HIS ND1  N Y N 94  
HIS CD2  C Y N 95  
HIS CE1  C Y N 96  
HIS NE2  N Y N 97  
HIS OXT  O N N 98  
HIS H    H N N 99  
HIS H2   H N N 100 
HIS HA   H N N 101 
HIS HB2  H N N 102 
HIS HB3  H N N 103 
HIS HD1  H N N 104 
HIS HD2  H N N 105 
HIS HE1  H N N 106 
HIS HE2  H N N 107 
HIS HXT  H N N 108 
ILE N    N N N 109 
ILE CA   C N S 110 
ILE C    C N N 111 
ILE O    O N N 112 
ILE CB   C N S 113 
ILE CG1  C N N 114 
ILE CG2  C N N 115 
ILE CD1  C N N 116 
ILE OXT  O N N 117 
ILE H    H N N 118 
ILE H2   H N N 119 
ILE HA   H N N 120 
ILE HB   H N N 121 
ILE HG12 H N N 122 
ILE HG13 H N N 123 
ILE HG21 H N N 124 
ILE HG22 H N N 125 
ILE HG23 H N N 126 
ILE HD11 H N N 127 
ILE HD12 H N N 128 
ILE HD13 H N N 129 
ILE HXT  H N N 130 
LEU N    N N N 131 
LEU CA   C N S 132 
LEU C    C N N 133 
LEU O    O N N 134 
LEU CB   C N N 135 
LEU CG   C N N 136 
LEU CD1  C N N 137 
LEU CD2  C N N 138 
LEU OXT  O N N 139 
LEU H    H N N 140 
LEU H2   H N N 141 
LEU HA   H N N 142 
LEU HB2  H N N 143 
LEU HB3  H N N 144 
LEU HG   H N N 145 
LEU HD11 H N N 146 
LEU HD12 H N N 147 
LEU HD13 H N N 148 
LEU HD21 H N N 149 
LEU HD22 H N N 150 
LEU HD23 H N N 151 
LEU HXT  H N N 152 
MET N    N N N 153 
MET CA   C N S 154 
MET C    C N N 155 
MET O    O N N 156 
MET CB   C N N 157 
MET CG   C N N 158 
MET SD   S N N 159 
MET CE   C N N 160 
MET OXT  O N N 161 
MET H    H N N 162 
MET H2   H N N 163 
MET HA   H N N 164 
MET HB2  H N N 165 
MET HB3  H N N 166 
MET HG2  H N N 167 
MET HG3  H N N 168 
MET HE1  H N N 169 
MET HE2  H N N 170 
MET HE3  H N N 171 
MET HXT  H N N 172 
PHE N    N N N 173 
PHE CA   C N S 174 
PHE C    C N N 175 
PHE O    O N N 176 
PHE CB   C N N 177 
PHE CG   C Y N 178 
PHE CD1  C Y N 179 
PHE CD2  C Y N 180 
PHE CE1  C Y N 181 
PHE CE2  C Y N 182 
PHE CZ   C Y N 183 
PHE OXT  O N N 184 
PHE H    H N N 185 
PHE H2   H N N 186 
PHE HA   H N N 187 
PHE HB2  H N N 188 
PHE HB3  H N N 189 
PHE HD1  H N N 190 
PHE HD2  H N N 191 
PHE HE1  H N N 192 
PHE HE2  H N N 193 
PHE HZ   H N N 194 
PHE HXT  H N N 195 
PRO N    N N N 196 
PRO CA   C N S 197 
PRO C    C N N 198 
PRO O    O N N 199 
PRO CB   C N N 200 
PRO CG   C N N 201 
PRO CD   C N N 202 
PRO OXT  O N N 203 
PRO H    H N N 204 
PRO HA   H N N 205 
PRO HB2  H N N 206 
PRO HB3  H N N 207 
PRO HG2  H N N 208 
PRO HG3  H N N 209 
PRO HD2  H N N 210 
PRO HD3  H N N 211 
PRO HXT  H N N 212 
SER N    N N N 213 
SER CA   C N S 214 
SER C    C N N 215 
SER O    O N N 216 
SER CB   C N N 217 
SER OG   O N N 218 
SER OXT  O N N 219 
SER H    H N N 220 
SER H2   H N N 221 
SER HA   H N N 222 
SER HB2  H N N 223 
SER HB3  H N N 224 
SER HG   H N N 225 
SER HXT  H N N 226 
THR N    N N N 227 
THR CA   C N S 228 
THR C    C N N 229 
THR O    O N N 230 
THR CB   C N R 231 
THR OG1  O N N 232 
THR CG2  C N N 233 
THR OXT  O N N 234 
THR H    H N N 235 
THR H2   H N N 236 
THR HA   H N N 237 
THR HB   H N N 238 
THR HG1  H N N 239 
THR HG21 H N N 240 
THR HG22 H N N 241 
THR HG23 H N N 242 
THR HXT  H N N 243 
# 
loop_
_chem_comp_bond.comp_id 
_chem_comp_bond.atom_id_1 
_chem_comp_bond.atom_id_2 
_chem_comp_bond.value_order 
_chem_comp_bond.pdbx_aromatic_flag 
_chem_comp_bond.pdbx_stereo_config 
_chem_comp_bond.pdbx_ordinal 
ALA N   CA   sing N N 1   
ALA N   H    sing N N 2   
ALA N   H2   sing N N 3   
ALA CA  C    sing N N 4   
ALA CA  CB   sing N N 5   
ALA CA  HA   sing N N 6   
ALA C   O    doub N N 7   
ALA C   OXT  sing N N 8   
ALA CB  HB1  sing N N 9   
ALA CB  HB2  sing N N 10  
ALA CB  HB3  sing N N 11  
ALA OXT HXT  sing N N 12  
ARG N   CA   sing N N 13  
ARG N   H    sing N N 14  
ARG N   H2   sing N N 15  
ARG CA  C    sing N N 16  
ARG CA  CB   sing N N 17  
ARG CA  HA   sing N N 18  
ARG C   O    doub N N 19  
ARG C   OXT  sing N N 20  
ARG CB  CG   sing N N 21  
ARG CB  HB2  sing N N 22  
ARG CB  HB3  sing N N 23  
ARG CG  CD   sing N N 24  
ARG CG  HG2  sing N N 25  
ARG CG  HG3  sing N N 26  
ARG CD  NE   sing N N 27  
ARG CD  HD2  sing N N 28  
ARG CD  HD3  sing N N 29  
ARG NE  CZ   sing N N 30  
ARG NE  HE   sing N N 31  
ARG CZ  NH1  sing N N 32  
ARG CZ  NH2  doub N N 33  
ARG NH1 HH11 sing N N 34  
ARG NH1 HH12 sing N N 35  
ARG NH2 HH21 sing N N 36  
ARG NH2 HH22 sing N N 37  
ARG OXT HXT  sing N N 38  
ASN N   CA   sing N N 39  
ASN N   H    sing N N 40  
ASN N   H2   sing N N 41  
ASN CA  C    sing N N 42  
ASN CA  CB   sing N N 43  
ASN CA  HA   sing N N 44  
ASN C   O    doub N N 45  
ASN C   OXT  sing N N 46  
ASN CB  CG   sing N N 47  
ASN CB  HB2  sing N N 48  
ASN CB  HB3  sing N N 49  
ASN CG  OD1  doub N N 50  
ASN CG  ND2  sing N N 51  
ASN ND2 HD21 sing N N 52  
ASN ND2 HD22 sing N N 53  
ASN OXT HXT  sing N N 54  
GLN N   CA   sing N N 55  
GLN N   H    sing N N 56  
GLN N   H2   sing N N 57  
GLN CA  C    sing N N 58  
GLN CA  CB   sing N N 59  
GLN CA  HA   sing N N 60  
GLN C   O    doub N N 61  
GLN C   OXT  sing N N 62  
GLN CB  CG   sing N N 63  
GLN CB  HB2  sing N N 64  
GLN CB  HB3  sing N N 65  
GLN CG  CD   sing N N 66  
GLN CG  HG2  sing N N 67  
GLN CG  HG3  sing N N 68  
GLN CD  OE1  doub N N 69  
GLN CD  NE2  sing N N 70  
GLN NE2 HE21 sing N N 71  
GLN NE2 HE22 sing N N 72  
GLN OXT HXT  sing N N 73  
GLY N   CA   sing N N 74  
GLY N   H    sing N N 75  
GLY N   H2   sing N N 76  
GLY CA  C    sing N N 77  
GLY CA  HA2  sing N N 78  
GLY CA  HA3  sing N N 79  
GLY C   O    doub N N 80  
GLY C   OXT  sing N N 81  
GLY OXT HXT  sing N N 82  
HIS N   CA   sing N N 83  
HIS N   H    sing N N 84  
HIS N   H2   sing N N 85  
HIS CA  C    sing N N 86  
HIS CA  CB   sing N N 87  
HIS CA  HA   sing N N 88  
HIS C   O    doub N N 89  
HIS C   OXT  sing N N 90  
HIS CB  CG   sing N N 91  
HIS CB  HB2  sing N N 92  
HIS CB  HB3  sing N N 93  
HIS CG  ND1  sing Y N 94  
HIS CG  CD2  doub Y N 95  
HIS ND1 CE1  doub Y N 96  
HIS ND1 HD1  sing N N 97  
HIS CD2 NE2  sing Y N 98  
HIS CD2 HD2  sing N N 99  
HIS CE1 NE2  sing Y N 100 
HIS CE1 HE1  sing N N 101 
HIS NE2 HE2  sing N N 102 
HIS OXT HXT  sing N N 103 
ILE N   CA   sing N N 104 
ILE N   H    sing N N 105 
ILE N   H2   sing N N 106 
ILE CA  C    sing N N 107 
ILE CA  CB   sing N N 108 
ILE CA  HA   sing N N 109 
ILE C   O    doub N N 110 
ILE C   OXT  sing N N 111 
ILE CB  CG1  sing N N 112 
ILE CB  CG2  sing N N 113 
ILE CB  HB   sing N N 114 
ILE CG1 CD1  sing N N 115 
ILE CG1 HG12 sing N N 116 
ILE CG1 HG13 sing N N 117 
ILE CG2 HG21 sing N N 118 
ILE CG2 HG22 sing N N 119 
ILE CG2 HG23 sing N N 120 
ILE CD1 HD11 sing N N 121 
ILE CD1 HD12 sing N N 122 
ILE CD1 HD13 sing N N 123 
ILE OXT HXT  sing N N 124 
LEU N   CA   sing N N 125 
LEU N   H    sing N N 126 
LEU N   H2   sing N N 127 
LEU CA  C    sing N N 128 
LEU CA  CB   sing N N 129 
LEU CA  HA   sing N N 130 
LEU C   O    doub N N 131 
LEU C   OXT  sing N N 132 
LEU CB  CG   sing N N 133 
LEU CB  HB2  sing N N 134 
LEU CB  HB3  sing N N 135 
LEU CG  CD1  sing N N 136 
LEU CG  CD2  sing N N 137 
LEU CG  HG   sing N N 138 
LEU CD1 HD11 sing N N 139 
LEU CD1 HD12 sing N N 140 
LEU CD1 HD13 sing N N 141 
LEU CD2 HD21 sing N N 142 
LEU CD2 HD22 sing N N 143 
LEU CD2 HD23 sing N N 144 
LEU OXT HXT  sing N N 145 
MET N   CA   sing N N 146 
MET N   H    sing N N 147 
MET N   H2   sing N N 148 
MET CA  C    sing N N 149 
MET CA  CB   sing N N 150 
MET CA  HA   sing N N 151 
MET C   O    doub N N 152 
MET C   OXT  sing N N 153 
MET CB  CG   sing N N 154 
MET CB  HB2  sing N N 155 
MET CB  HB3  sing N N 156 
MET CG  SD   sing N N 157 
MET CG  HG2  sing N N 158 
MET CG  HG3  sing N N 159 
MET SD  CE   sing N N 160 
MET CE  HE1  sing N N 161 
MET CE  HE2  sing N N 162 
MET CE  HE3  sing N N 163 
MET OXT HXT  sing N N 164 
PHE N   CA   sing N N 165 
PHE N   H    sing N N 166 
PHE N   H2   sing N N 167 
PHE CA  C    sing N N 168 
PHE CA  CB   sing N N 169 
PHE CA  HA   sing N N 170 
PHE C   O    doub N N 171 
PHE C   OXT  sing N N 172 
PHE CB  CG   sing N N 173 
PHE CB  HB2  sing N N 174 
PHE CB  HB3  sing N N 175 
PHE CG  CD1  doub Y N 176 
PHE CG  CD2  sing Y N 177 
PHE CD1 CE1  sing Y N 178 
PHE CD1 HD1  sing N N 179 
PHE CD2 CE2  doub Y N 180 
PHE CD2 HD2  sing N N 181 
PHE CE1 CZ   doub Y N 182 
PHE CE1 HE1  sing N N 183 
PHE CE2 CZ   sing Y N 184 
PHE CE2 HE2  sing N N 185 
PHE CZ  HZ   sing N N 186 
PHE OXT HXT  sing N N 187 
PRO N   CA   sing N N 188 
PRO N   CD   sing N N 189 
PRO N   H    sing N N 190 
PRO CA  C    sing N N 191 
PRO CA  CB   sing N N 192 
PRO CA  HA   sing N N 193 
PRO C   O    doub N N 194 
PRO C   OXT  sing N N 195 
PRO CB  CG   sing N N 196 
PRO CB  HB2  sing N N 197 
PRO CB  HB3  sing N N 198 
PRO CG  CD   sing N N 199 
PRO CG  HG2  sing N N 200 
PRO CG  HG3  sing N N 201 
PRO CD  HD2  sing N N 202 
PRO CD  HD3  sing N N 203 
PRO OXT HXT  sing N N 204 
SER N   CA   sing N N 205 
SER N   H    sing N N 206 
SER N   H2   sing N N 207 
SER CA  C    sing N N 208 
SER CA  CB   sing N N 209 
SER CA  HA   sing N N 210 
SER C   O    doub N N 211 
SER C   OXT  sing N N 212 
SER CB  OG   sing N N 213 
SER CB  HB2  sing N N 214 
SER CB  HB3  sing N N 215 
SER OG  HG   sing N N 216 
SER OXT HXT  sing N N 217 
THR N   CA   sing N N 218 
THR N   H    sing N N 219 
THR N   H2   sing N N 220 
THR CA  C    sing N N 221 
THR CA  CB   sing N N 222 
THR CA  HA   sing N N 223 
THR C   O    doub N N 224 
THR C   OXT  sing N N 225 
THR CB  OG1  sing N N 226 
THR CB  CG2  sing N N 227 
THR CB  HB   sing N N 228 
THR OG1 HG1  sing N N 229 
THR CG2 HG21 sing N N 230 
THR CG2 HG22 sing N N 231 
THR CG2 HG23 sing N N 232 
THR OXT HXT  sing N N 233 
# 
_pdbx_nmr_spectrometer.spectrometer_id   1 
_pdbx_nmr_spectrometer.model             DRX500 
_pdbx_nmr_spectrometer.manufacturer      Bruker 
_pdbx_nmr_spectrometer.field_strength    500 
_pdbx_nmr_spectrometer.type              ? 
# 
_atom_sites.entry_id                    1CQ0 
_atom_sites.fract_transf_matrix[1][1]   1.000000 
_atom_sites.fract_transf_matrix[1][2]   0.000000 
_atom_sites.fract_transf_matrix[1][3]   0.000000 
_atom_sites.fract_transf_matrix[2][1]   0.000000 
_atom_sites.fract_transf_matrix[2][2]   1.000000 
_atom_sites.fract_transf_matrix[2][3]   0.000000 
_atom_sites.fract_transf_matrix[3][1]   0.000000 
_atom_sites.fract_transf_matrix[3][2]   0.000000 
_atom_sites.fract_transf_matrix[3][3]   1.000000 
_atom_sites.fract_transf_vector[1]      0.00000 
_atom_sites.fract_transf_vector[2]      0.00000 
_atom_sites.fract_transf_vector[3]      0.00000 
# 
loop_
_atom_type.symbol 
C 
H 
N 
O 
S 
# 
loop_
_atom_site.group_PDB 
_atom_site.id 
_atom_site.type_symbol 
_atom_site.label_atom_id 
_atom_site.label_alt_id 
_atom_site.label_comp_id 
_atom_site.label_asym_id 
_atom_site.label_entity_id 
_atom_site.label_seq_id 
_atom_site.pdbx_PDB_ins_code 
_atom_site.Cartn_x 
_atom_site.Cartn_y 
_atom_site.Cartn_z 
_atom_site.occupancy 
_atom_site.B_iso_or_equiv 
_atom_site.pdbx_formal_charge 
_atom_site.auth_seq_id 
_atom_site.auth_comp_id 
_atom_site.auth_asym_id 
_atom_site.auth_atom_id 
_atom_site.pdbx_PDB_model_num 
ATOM 1   N N    . PHE A 1 1  ? -16.610 0.837   -0.896 1.00 5.20 ? 1  PHE A N    1 
ATOM 2   C CA   . PHE A 1 1  ? -16.948 1.054   -2.332 1.00 4.57 ? 1  PHE A CA   1 
ATOM 3   C C    . PHE A 1 1  ? -16.564 -0.178  -3.157 1.00 3.93 ? 1  PHE A C    1 
ATOM 4   O O    . PHE A 1 1  ? -17.264 -0.566  -4.071 1.00 4.01 ? 1  PHE A O    1 
ATOM 5   C CB   . PHE A 1 1  ? -16.117 2.266   -2.756 1.00 4.72 ? 1  PHE A CB   1 
ATOM 6   C CG   . PHE A 1 1  ? -16.254 3.357   -1.723 1.00 5.14 ? 1  PHE A CG   1 
ATOM 7   C CD1  . PHE A 1 1  ? -17.513 3.668   -1.196 1.00 5.53 ? 1  PHE A CD1  1 
ATOM 8   C CD2  . PHE A 1 1  ? -15.122 4.059   -1.291 1.00 5.57 ? 1  PHE A CD2  1 
ATOM 9   C CE1  . PHE A 1 1  ? -17.641 4.681   -0.238 1.00 6.28 ? 1  PHE A CE1  1 
ATOM 10  C CE2  . PHE A 1 1  ? -15.250 5.071   -0.332 1.00 6.34 ? 1  PHE A CE2  1 
ATOM 11  C CZ   . PHE A 1 1  ? -16.508 5.383   0.194  1.00 6.67 ? 1  PHE A CZ   1 
ATOM 12  H H1   . PHE A 1 1  ? -17.261 1.386   -0.299 1.00 5.44 ? 1  PHE A H1   1 
ATOM 13  H H2   . PHE A 1 1  ? -15.632 1.146   -0.720 1.00 5.39 ? 1  PHE A H2   1 
ATOM 14  H H3   . PHE A 1 1  ? -16.702 -0.173  -0.666 1.00 5.59 ? 1  PHE A H3   1 
ATOM 15  H HA   . PHE A 1 1  ? -17.999 1.270   -2.443 1.00 4.95 ? 1  PHE A HA   1 
ATOM 16  H HB2  . PHE A 1 1  ? -15.079 1.977   -2.840 1.00 5.19 ? 1  PHE A HB2  1 
ATOM 17  H HB3  . PHE A 1 1  ? -16.469 2.627   -3.710 1.00 4.54 ? 1  PHE A HB3  1 
ATOM 18  H HD1  . PHE A 1 1  ? -18.386 3.127   -1.529 1.00 5.50 ? 1  PHE A HD1  1 
ATOM 19  H HD2  . PHE A 1 1  ? -14.151 3.819   -1.698 1.00 5.56 ? 1  PHE A HD2  1 
ATOM 20  H HE1  . PHE A 1 1  ? -18.612 4.921   0.169  1.00 6.76 ? 1  PHE A HE1  1 
ATOM 21  H HE2  . PHE A 1 1  ? -14.376 5.612   0.001  1.00 6.88 ? 1  PHE A HE2  1 
ATOM 22  H HZ   . PHE A 1 1  ? -16.607 6.164   0.934  1.00 7.41 ? 1  PHE A HZ   1 
ATOM 23  N N    . SER A 1 2  ? -15.457 -0.791  -2.842 1.00 3.75 ? 2  SER A N    1 
ATOM 24  C CA   . SER A 1 2  ? -15.029 -1.997  -3.610 1.00 3.47 ? 2  SER A CA   1 
ATOM 25  C C    . SER A 1 2  ? -15.437 -3.270  -2.864 1.00 2.91 ? 2  SER A C    1 
ATOM 26  O O    . SER A 1 2  ? -16.113 -3.221  -1.856 1.00 3.45 ? 2  SER A O    1 
ATOM 27  C CB   . SER A 1 2  ? -13.507 -1.891  -3.696 1.00 4.37 ? 2  SER A CB   1 
ATOM 28  O OG   . SER A 1 2  ? -12.921 -2.714  -2.697 1.00 4.99 ? 2  SER A OG   1 
ATOM 29  H H    . SER A 1 2  ? -14.906 -0.462  -2.102 1.00 4.14 ? 2  SER A H    1 
ATOM 30  H HA   . SER A 1 2  ? -15.457 -1.986  -4.599 1.00 3.60 ? 2  SER A HA   1 
ATOM 31  H HB2  . SER A 1 2  ? -13.176 -2.221  -4.666 1.00 4.68 ? 2  SER A HB2  1 
ATOM 32  H HB3  . SER A 1 2  ? -13.210 -0.861  -3.547 1.00 4.67 ? 2  SER A HB3  1 
ATOM 33  H HG   . SER A 1 2  ? -12.990 -2.257  -1.857 1.00 5.52 ? 2  SER A HG   1 
ATOM 34  N N    . GLY A 1 3  ? -15.031 -4.410  -3.352 1.00 2.34 ? 3  GLY A N    1 
ATOM 35  C CA   . GLY A 1 3  ? -15.396 -5.685  -2.671 1.00 2.35 ? 3  GLY A CA   1 
ATOM 36  C C    . GLY A 1 3  ? -14.324 -6.038  -1.639 1.00 1.62 ? 3  GLY A C    1 
ATOM 37  O O    . GLY A 1 3  ? -14.439 -5.690  -0.480 1.00 1.68 ? 3  GLY A O    1 
ATOM 38  H H    . GLY A 1 3  ? -14.487 -4.429  -4.166 1.00 2.44 ? 3  GLY A H    1 
ATOM 39  H HA2  . GLY A 1 3  ? -16.350 -5.568  -2.176 1.00 3.00 ? 3  GLY A HA2  1 
ATOM 40  H HA3  . GLY A 1 3  ? -15.463 -6.478  -3.400 1.00 2.79 ? 3  GLY A HA3  1 
ATOM 41  N N    . PRO A 1 4  ? -13.313 -6.721  -2.099 1.00 1.51 ? 4  PRO A N    1 
ATOM 42  C CA   . PRO A 1 4  ? -12.200 -7.131  -1.208 1.00 1.43 ? 4  PRO A CA   1 
ATOM 43  C C    . PRO A 1 4  ? -11.330 -5.921  -0.849 1.00 1.61 ? 4  PRO A C    1 
ATOM 44  O O    . PRO A 1 4  ? -10.659 -5.366  -1.695 1.00 1.72 ? 4  PRO A O    1 
ATOM 45  C CB   . PRO A 1 4  ? -11.416 -8.132  -2.052 1.00 1.97 ? 4  PRO A CB   1 
ATOM 46  C CG   . PRO A 1 4  ? -11.729 -7.772  -3.470 1.00 2.35 ? 4  PRO A CG   1 
ATOM 47  C CD   . PRO A 1 4  ? -13.111 -7.172  -3.481 1.00 2.16 ? 4  PRO A CD   1 
ATOM 48  H HA   . PRO A 1 4  ? -12.577 -7.611  -0.321 1.00 1.50 ? 4  PRO A HA   1 
ATOM 49  H HB2  . PRO A 1 4  ? -10.356 -8.033  -1.862 1.00 2.33 ? 4  PRO A HB2  1 
ATOM 50  H HB3  . PRO A 1 4  ? -11.745 -9.138  -1.846 1.00 2.07 ? 4  PRO A HB3  1 
ATOM 51  H HG2  . PRO A 1 4  ? -11.009 -7.053  -3.834 1.00 2.64 ? 4  PRO A HG2  1 
ATOM 52  H HG3  . PRO A 1 4  ? -11.713 -8.657  -4.088 1.00 2.80 ? 4  PRO A HG3  1 
ATOM 53  H HD2  . PRO A 1 4  ? -13.154 -6.336  -4.166 1.00 2.48 ? 4  PRO A HD2  1 
ATOM 54  H HD3  . PRO A 1 4  ? -13.848 -7.917  -3.739 1.00 2.46 ? 4  PRO A HD3  1 
ATOM 55  N N    . PRO A 1 5  ? -11.374 -5.553  0.406  1.00 2.01 ? 5  PRO A N    1 
ATOM 56  C CA   . PRO A 1 5  ? -10.587 -4.401  0.899  1.00 2.58 ? 5  PRO A CA   1 
ATOM 57  C C    . PRO A 1 5  ? -9.187  -4.834  1.321  1.00 2.51 ? 5  PRO A C    1 
ATOM 58  O O    . PRO A 1 5  ? -8.533  -4.192  2.119  1.00 3.10 ? 5  PRO A O    1 
ATOM 59  C CB   . PRO A 1 5  ? -11.378 -3.934  2.109  1.00 3.22 ? 5  PRO A CB   1 
ATOM 60  C CG   . PRO A 1 5  ? -12.116 -5.151  2.594  1.00 2.95 ? 5  PRO A CG   1 
ATOM 61  C CD   . PRO A 1 5  ? -12.166 -6.161  1.471  1.00 2.25 ? 5  PRO A CD   1 
ATOM 62  H HA   . PRO A 1 5  ? -10.536 -3.636  0.157  1.00 2.78 ? 5  PRO A HA   1 
ATOM 63  H HB2  . PRO A 1 5  ? -10.707 -3.568  2.875  1.00 3.63 ? 5  PRO A HB2  1 
ATOM 64  H HB3  . PRO A 1 5  ? -12.081 -3.166  1.827  1.00 3.54 ? 5  PRO A HB3  1 
ATOM 65  H HG2  . PRO A 1 5  ? -11.594 -5.576  3.439  1.00 3.12 ? 5  PRO A HG2  1 
ATOM 66  H HG3  . PRO A 1 5  ? -13.117 -4.881  2.879  1.00 3.23 ? 5  PRO A HG3  1 
ATOM 67  H HD2  . PRO A 1 5  ? -11.725 -7.097  1.787  1.00 2.13 ? 5  PRO A HD2  1 
ATOM 68  H HD3  . PRO A 1 5  ? -13.182 -6.310  1.141  1.00 2.26 ? 5  PRO A HD3  1 
ATOM 69  N N    . GLY A 1 6  ? -8.734  -5.914  0.788  1.00 1.96 ? 6  GLY A N    1 
ATOM 70  C CA   . GLY A 1 6  ? -7.375  -6.420  1.136  1.00 2.14 ? 6  GLY A CA   1 
ATOM 71  C C    . GLY A 1 6  ? -6.527  -6.520  -0.133 1.00 1.73 ? 6  GLY A C    1 
ATOM 72  O O    . GLY A 1 6  ? -5.335  -6.284  -0.115 1.00 1.70 ? 6  GLY A O    1 
ATOM 73  H H    . GLY A 1 6  ? -9.291  -6.394  0.156  1.00 1.57 ? 6  GLY A H    1 
ATOM 74  H HA2  . GLY A 1 6  ? -6.905  -5.739  1.832  1.00 2.62 ? 6  GLY A HA2  1 
ATOM 75  H HA3  . GLY A 1 6  ? -7.459  -7.396  1.587  1.00 2.24 ? 6  GLY A HA3  1 
ATOM 76  N N    . LEU A 1 7  ? -7.132  -6.866  -1.236 1.00 1.47 ? 7  LEU A N    1 
ATOM 77  C CA   . LEU A 1 7  ? -6.361  -6.980  -2.506 1.00 1.17 ? 7  LEU A CA   1 
ATOM 78  C C    . LEU A 1 7  ? -5.817  -5.614  -2.916 1.00 1.00 ? 7  LEU A C    1 
ATOM 79  O O    . LEU A 1 7  ? -4.711  -5.242  -2.574 1.00 0.87 ? 7  LEU A O    1 
ATOM 80  C CB   . LEU A 1 7  ? -7.368  -7.496  -3.536 1.00 1.14 ? 7  LEU A CB   1 
ATOM 81  C CG   . LEU A 1 7  ? -7.142  -8.990  -3.767 1.00 1.30 ? 7  LEU A CG   1 
ATOM 82  C CD1  . LEU A 1 7  ? -8.044  -9.794  -2.829 1.00 1.71 ? 7  LEU A CD1  1 
ATOM 83  C CD2  . LEU A 1 7  ? -7.480  -9.338  -5.219 1.00 2.07 ? 7  LEU A CD2  1 
ATOM 84  H H    . LEU A 1 7  ? -8.095  -7.051  -1.230 1.00 1.53 ? 7  LEU A H    1 
ATOM 85  H HA   . LEU A 1 7  ? -5.559  -7.681  -2.399 1.00 1.27 ? 7  LEU A HA   1 
ATOM 86  H HB2  . LEU A 1 7  ? -8.372  -7.334  -3.171 1.00 1.49 ? 7  LEU A HB2  1 
ATOM 87  H HB3  . LEU A 1 7  ? -7.234  -6.965  -4.467 1.00 1.46 ? 7  LEU A HB3  1 
ATOM 88  H HG   . LEU A 1 7  ? -6.109  -9.233  -3.568 1.00 1.92 ? 7  LEU A HG   1 
ATOM 89  H HD11 . LEU A 1 7  ? -8.210  -9.234  -1.920 1.00 2.14 ? 7  LEU A HD11 1 
ATOM 90  H HD12 . LEU A 1 7  ? -7.568  -10.734 -2.590 1.00 2.22 ? 7  LEU A HD12 1 
ATOM 91  H HD13 . LEU A 1 7  ? -8.990  -9.983  -3.313 1.00 2.14 ? 7  LEU A HD13 1 
ATOM 92  H HD21 . LEU A 1 7  ? -8.019  -8.517  -5.669 1.00 2.44 ? 7  LEU A HD21 1 
ATOM 93  H HD22 . LEU A 1 7  ? -8.094  -10.226 -5.243 1.00 2.55 ? 7  LEU A HD22 1 
ATOM 94  H HD23 . LEU A 1 7  ? -6.568  -9.515  -5.768 1.00 2.61 ? 7  LEU A HD23 1 
ATOM 95  N N    . GLN A 1 8  ? -6.587  -4.866  -3.645 1.00 1.14 ? 8  GLN A N    1 
ATOM 96  C CA   . GLN A 1 8  ? -6.127  -3.522  -4.080 1.00 1.20 ? 8  GLN A CA   1 
ATOM 97  C C    . GLN A 1 8  ? -5.573  -2.759  -2.884 1.00 1.22 ? 8  GLN A C    1 
ATOM 98  O O    . GLN A 1 8  ? -4.725  -1.896  -3.011 1.00 1.16 ? 8  GLN A O    1 
ATOM 99  C CB   . GLN A 1 8  ? -7.372  -2.830  -4.637 1.00 1.57 ? 8  GLN A CB   1 
ATOM 100 C CG   . GLN A 1 8  ? -7.295  -2.786  -6.163 1.00 1.82 ? 8  GLN A CG   1 
ATOM 101 C CD   . GLN A 1 8  ? -8.594  -2.204  -6.725 1.00 2.12 ? 8  GLN A CD   1 
ATOM 102 O OE1  . GLN A 1 8  ? -9.129  -1.253  -6.189 1.00 2.64 ? 8  GLN A OE1  1 
ATOM 103 N NE2  . GLN A 1 8  ? -9.126  -2.736  -7.790 1.00 2.64 ? 8  GLN A NE2  1 
ATOM 104 H H    . GLN A 1 8  ? -7.468  -5.189  -3.902 1.00 1.29 ? 8  GLN A H    1 
ATOM 105 H HA   . GLN A 1 8  ? -5.384  -3.616  -4.843 1.00 1.12 ? 8  GLN A HA   1 
ATOM 106 H HB2  . GLN A 1 8  ? -8.253  -3.379  -4.336 1.00 1.97 ? 8  GLN A HB2  1 
ATOM 107 H HB3  . GLN A 1 8  ? -7.427  -1.823  -4.251 1.00 1.89 ? 8  GLN A HB3  1 
ATOM 108 H HG2  . GLN A 1 8  ? -6.462  -2.166  -6.464 1.00 2.39 ? 8  GLN A HG2  1 
ATOM 109 H HG3  . GLN A 1 8  ? -7.156  -3.786  -6.546 1.00 2.22 ? 8  GLN A HG3  1 
ATOM 110 H HE21 . GLN A 1 8  ? -8.695  -3.502  -8.223 1.00 2.90 ? 8  GLN A HE21 1 
ATOM 111 H HE22 . GLN A 1 8  ? -9.958  -2.371  -8.157 1.00 3.14 ? 8  GLN A HE22 1 
ATOM 112 N N    . GLY A 1 9  ? -6.037  -3.097  -1.719 1.00 1.40 ? 9  GLY A N    1 
ATOM 113 C CA   . GLY A 1 9  ? -5.541  -2.423  -0.492 1.00 1.55 ? 9  GLY A CA   1 
ATOM 114 C C    . GLY A 1 9  ? -4.130  -2.921  -0.221 1.00 1.31 ? 9  GLY A C    1 
ATOM 115 O O    . GLY A 1 9  ? -3.170  -2.184  -0.320 1.00 1.18 ? 9  GLY A O    1 
ATOM 116 H H    . GLY A 1 9  ? -6.700  -3.812  -1.654 1.00 1.48 ? 9  GLY A H    1 
ATOM 117 H HA2  . GLY A 1 9  ? -5.531  -1.352  -0.644 1.00 1.65 ? 9  GLY A HA2  1 
ATOM 118 H HA3  . GLY A 1 9  ? -6.176  -2.669  0.344  1.00 1.81 ? 9  GLY A HA3  1 
ATOM 119 N N    . ARG A 1 10 ? -3.993  -4.179  0.092  1.00 1.32 ? 10 ARG A N    1 
ATOM 120 C CA   . ARG A 1 10 ? -2.637  -4.727  0.338  1.00 1.26 ? 10 ARG A CA   1 
ATOM 121 C C    . ARG A 1 10 ? -1.772  -4.430  -0.879 1.00 0.90 ? 10 ARG A C    1 
ATOM 122 O O    . ARG A 1 10 ? -0.581  -4.209  -0.785 1.00 0.86 ? 10 ARG A O    1 
ATOM 123 C CB   . ARG A 1 10 ? -2.835  -6.233  0.517  1.00 1.46 ? 10 ARG A CB   1 
ATOM 124 C CG   . ARG A 1 10 ? -1.549  -6.855  1.067  1.00 1.71 ? 10 ARG A CG   1 
ATOM 125 C CD   . ARG A 1 10 ? -1.798  -8.327  1.404  1.00 2.34 ? 10 ARG A CD   1 
ATOM 126 N NE   . ARG A 1 10 ? -0.474  -8.850  1.841  1.00 2.72 ? 10 ARG A NE   1 
ATOM 127 C CZ   . ARG A 1 10 ? -0.261  -10.137 1.880  1.00 3.36 ? 10 ARG A CZ   1 
ATOM 128 N NH1  . ARG A 1 10 ? -1.268  -10.966 1.858  1.00 3.97 ? 10 ARG A NH1  1 
ATOM 129 N NH2  . ARG A 1 10 ? 0.959   -10.595 1.942  1.00 3.74 ? 10 ARG A NH2  1 
ATOM 130 H H    . ARG A 1 10 ? -4.776  -4.759  0.144  1.00 1.43 ? 10 ARG A H    1 
ATOM 131 H HA   . ARG A 1 10 ? -2.217  -4.295  1.218  1.00 1.43 ? 10 ARG A HA   1 
ATOM 132 H HB2  . ARG A 1 10 ? -3.646  -6.410  1.208  1.00 1.76 ? 10 ARG A HB2  1 
ATOM 133 H HB3  . ARG A 1 10 ? -3.069  -6.682  -0.437 1.00 1.55 ? 10 ARG A HB3  1 
ATOM 134 H HG2  . ARG A 1 10 ? -0.767  -6.781  0.326  1.00 2.03 ? 10 ARG A HG2  1 
ATOM 135 H HG3  . ARG A 1 10 ? -1.250  -6.330  1.962  1.00 1.96 ? 10 ARG A HG3  1 
ATOM 136 H HD2  . ARG A 1 10 ? -2.523  -8.412  2.202  1.00 2.77 ? 10 ARG A HD2  1 
ATOM 137 H HD3  . ARG A 1 10 ? -2.135  -8.862  0.529  1.00 2.73 ? 10 ARG A HD3  1 
ATOM 138 H HE   . ARG A 1 10 ? 0.237   -8.228  2.100  1.00 2.90 ? 10 ARG A HE   1 
ATOM 139 H HH11 . ARG A 1 10 ? -2.204  -10.615 1.811  1.00 3.96 ? 10 ARG A HH11 1 
ATOM 140 H HH12 . ARG A 1 10 ? -1.105  -11.953 1.887  1.00 4.64 ? 10 ARG A HH12 1 
ATOM 141 H HH21 . ARG A 1 10 ? 1.732   -9.960  1.959  1.00 3.58 ? 10 ARG A HH21 1 
ATOM 142 H HH22 . ARG A 1 10 ? 1.123   -11.581 1.972  1.00 4.41 ? 10 ARG A HH22 1 
ATOM 143 N N    . LEU A 1 11 ? -2.393  -4.403  -2.019 1.00 0.73 ? 11 LEU A N    1 
ATOM 144 C CA   . LEU A 1 11 ? -1.674  -4.103  -3.274 1.00 0.61 ? 11 LEU A CA   1 
ATOM 145 C C    . LEU A 1 11 ? -1.261  -2.644  -3.270 1.00 0.57 ? 11 LEU A C    1 
ATOM 146 O O    . LEU A 1 11 ? -0.120  -2.315  -3.082 1.00 0.52 ? 11 LEU A O    1 
ATOM 147 C CB   . LEU A 1 11 ? -2.683  -4.379  -4.390 1.00 0.76 ? 11 LEU A CB   1 
ATOM 148 C CG   . LEU A 1 11 ? -2.876  -5.889  -4.540 1.00 0.92 ? 11 LEU A CG   1 
ATOM 149 C CD1  . LEU A 1 11 ? -4.073  -6.161  -5.454 1.00 1.11 ? 11 LEU A CD1  1 
ATOM 150 C CD2  . LEU A 1 11 ? -1.617  -6.505  -5.153 1.00 1.33 ? 11 LEU A CD2  1 
ATOM 151 H H    . LEU A 1 11 ? -3.340  -4.563  -2.043 1.00 0.82 ? 11 LEU A H    1 
ATOM 152 H HA   . LEU A 1 11 ? -0.827  -4.735  -3.378 1.00 0.73 ? 11 LEU A HA   1 
ATOM 153 H HB2  . LEU A 1 11 ? -3.627  -3.916  -4.144 1.00 0.80 ? 11 LEU A HB2  1 
ATOM 154 H HB3  . LEU A 1 11 ? -2.313  -3.971  -5.318 1.00 0.95 ? 11 LEU A HB3  1 
ATOM 155 H HG   . LEU A 1 11 ? -3.059  -6.326  -3.570 1.00 1.04 ? 11 LEU A HG   1 
ATOM 156 H HD11 . LEU A 1 11 ? -4.859  -6.635  -4.886 1.00 1.47 ? 11 LEU A HD11 1 
ATOM 157 H HD12 . LEU A 1 11 ? -3.768  -6.814  -6.260 1.00 1.53 ? 11 LEU A HD12 1 
ATOM 158 H HD13 . LEU A 1 11 ? -4.434  -5.229  -5.863 1.00 1.54 ? 11 LEU A HD13 1 
ATOM 159 H HD21 . LEU A 1 11 ? -1.838  -6.860  -6.149 1.00 1.82 ? 11 LEU A HD21 1 
ATOM 160 H HD22 . LEU A 1 11 ? -1.286  -7.331  -4.541 1.00 1.67 ? 11 LEU A HD22 1 
ATOM 161 H HD23 . LEU A 1 11 ? -0.838  -5.759  -5.202 1.00 1.80 ? 11 LEU A HD23 1 
ATOM 162 N N    . GLN A 1 12 ? -2.190  -1.768  -3.454 1.00 0.78 ? 12 GLN A N    1 
ATOM 163 C CA   . GLN A 1 12 ? -1.851  -0.328  -3.441 1.00 0.98 ? 12 GLN A CA   1 
ATOM 164 C C    . GLN A 1 12 ? -1.026  -0.023  -2.198 1.00 0.86 ? 12 GLN A C    1 
ATOM 165 O O    . GLN A 1 12 ? -0.151  0.814   -2.205 1.00 0.87 ? 12 GLN A O    1 
ATOM 166 C CB   . GLN A 1 12 ? -3.193  0.405   -3.398 1.00 1.34 ? 12 GLN A CB   1 
ATOM 167 C CG   . GLN A 1 12 ? -3.943  0.175   -4.711 1.00 1.73 ? 12 GLN A CG   1 
ATOM 168 C CD   . GLN A 1 12 ? -4.161  1.516   -5.416 1.00 2.23 ? 12 GLN A CD   1 
ATOM 169 O OE1  . GLN A 1 12 ? -3.250  2.312   -5.525 1.00 2.79 ? 12 GLN A OE1  1 
ATOM 170 N NE2  . GLN A 1 12 ? -5.338  1.798   -5.902 1.00 2.83 ? 12 GLN A NE2  1 
ATOM 171 H H    . GLN A 1 12 ? -3.101  -2.056  -3.589 1.00 0.89 ? 12 GLN A H    1 
ATOM 172 H HA   . GLN A 1 12 ? -1.312  -0.065  -4.324 1.00 1.07 ? 12 GLN A HA   1 
ATOM 173 H HB2  . GLN A 1 12 ? -3.782  0.027   -2.574 1.00 1.65 ? 12 GLN A HB2  1 
ATOM 174 H HB3  . GLN A 1 12 ? -3.023  1.462   -3.264 1.00 1.60 ? 12 GLN A HB3  1 
ATOM 175 H HG2  . GLN A 1 12 ? -3.363  -0.478  -5.348 1.00 2.06 ? 12 GLN A HG2  1 
ATOM 176 H HG3  . GLN A 1 12 ? -4.900  -0.281  -4.505 1.00 2.26 ? 12 GLN A HG3  1 
ATOM 177 H HE21 . GLN A 1 12 ? -6.073  1.156   -5.815 1.00 3.04 ? 12 GLN A HE21 1 
ATOM 178 H HE22 . GLN A 1 12 ? -5.488  2.655   -6.355 1.00 3.43 ? 12 GLN A HE22 1 
ATOM 179 N N    . ARG A 1 13 ? -1.298  -0.718  -1.136 1.00 0.86 ? 13 ARG A N    1 
ATOM 180 C CA   . ARG A 1 13 ? -0.542  -0.497  0.117  1.00 0.94 ? 13 ARG A CA   1 
ATOM 181 C C    . ARG A 1 13 ? 0.872   -1.031  -0.031 1.00 0.67 ? 13 ARG A C    1 
ATOM 182 O O    . ARG A 1 13 ? 1.838   -0.295  -0.017 1.00 0.59 ? 13 ARG A O    1 
ATOM 183 C CB   . ARG A 1 13 ? -1.300  -1.276  1.192  1.00 1.23 ? 13 ARG A CB   1 
ATOM 184 C CG   . ARG A 1 13 ? -0.551  -1.179  2.521  1.00 1.76 ? 13 ARG A CG   1 
ATOM 185 C CD   . ARG A 1 13 ? -1.327  -1.932  3.603  1.00 2.07 ? 13 ARG A CD   1 
ATOM 186 N NE   . ARG A 1 13 ? -1.045  -1.193  4.864  1.00 2.53 ? 13 ARG A NE   1 
ATOM 187 C CZ   . ARG A 1 13 ? -1.356  0.071   4.964  1.00 3.03 ? 13 ARG A CZ   1 
ATOM 188 N NH1  . ARG A 1 13 ? -2.506  0.497   4.515  1.00 3.52 ? 13 ARG A NH1  1 
ATOM 189 N NH2  . ARG A 1 13 ? -0.520  0.908   5.513  1.00 3.60 ? 13 ARG A NH2  1 
ATOM 190 H H    . ARG A 1 13 ? -1.994  -1.393  -1.171 1.00 0.91 ? 13 ARG A H    1 
ATOM 191 H HA   . ARG A 1 13 ? -0.526  0.536   0.359  1.00 1.10 ? 13 ARG A HA   1 
ATOM 192 H HB2  . ARG A 1 13 ? -2.292  -0.862  1.305  1.00 1.42 ? 13 ARG A HB2  1 
ATOM 193 H HB3  . ARG A 1 13 ? -1.375  -2.313  0.899  1.00 1.38 ? 13 ARG A HB3  1 
ATOM 194 H HG2  . ARG A 1 13 ? 0.432   -1.615  2.413  1.00 2.38 ? 13 ARG A HG2  1 
ATOM 195 H HG3  . ARG A 1 13 ? -0.455  -0.141  2.805  1.00 2.09 ? 13 ARG A HG3  1 
ATOM 196 H HD2  . ARG A 1 13 ? -2.386  -1.916  3.384  1.00 2.28 ? 13 ARG A HD2  1 
ATOM 197 H HD3  . ARG A 1 13 ? -0.974  -2.947  3.683  1.00 2.53 ? 13 ARG A HD3  1 
ATOM 198 H HE   . ARG A 1 13 ? -0.624  -1.654  5.620  1.00 2.91 ? 13 ARG A HE   1 
ATOM 199 H HH11 . ARG A 1 13 ? -3.147  -0.145  4.095  1.00 3.53 ? 13 ARG A HH11 1 
ATOM 200 H HH12 . ARG A 1 13 ? -2.745  1.465   4.592  1.00 4.18 ? 13 ARG A HH12 1 
ATOM 201 H HH21 . ARG A 1 13 ? 0.361   0.583   5.857  1.00 3.66 ? 13 ARG A HH21 1 
ATOM 202 H HH22 . ARG A 1 13 ? -0.759  1.877   5.590  1.00 4.25 ? 13 ARG A HH22 1 
ATOM 203 N N    . LEU A 1 14 ? 0.993   -2.309  -0.187 1.00 0.66 ? 14 LEU A N    1 
ATOM 204 C CA   . LEU A 1 14 ? 2.347   -2.910  -0.348 1.00 0.73 ? 14 LEU A CA   1 
ATOM 205 C C    . LEU A 1 14 ? 3.010   -2.325  -1.589 1.00 0.59 ? 14 LEU A C    1 
ATOM 206 O O    . LEU A 1 14 ? 4.208   -2.130  -1.645 1.00 0.73 ? 14 LEU A O    1 
ATOM 207 C CB   . LEU A 1 14 ? 2.120   -4.422  -0.488 1.00 1.01 ? 14 LEU A CB   1 
ATOM 208 C CG   . LEU A 1 14 ? 1.663   -4.768  -1.909 1.00 0.90 ? 14 LEU A CG   1 
ATOM 209 C CD1  . LEU A 1 14 ? 2.878   -4.839  -2.837 1.00 1.17 ? 14 LEU A CD1  1 
ATOM 210 C CD2  . LEU A 1 14 ? 0.955   -6.124  -1.898 1.00 1.08 ? 14 LEU A CD2  1 
ATOM 211 H H    . LEU A 1 14 ? 0.190   -2.868  -0.204 1.00 0.74 ? 14 LEU A H    1 
ATOM 212 H HA   . LEU A 1 14 ? 2.944   -2.706  0.516  1.00 0.87 ? 14 LEU A HA   1 
ATOM 213 H HB2  . LEU A 1 14 ? 3.042   -4.943  -0.273 1.00 1.29 ? 14 LEU A HB2  1 
ATOM 214 H HB3  . LEU A 1 14 ? 1.361   -4.735  0.215  1.00 1.13 ? 14 LEU A HB3  1 
ATOM 215 H HG   . LEU A 1 14 ? 0.983   -4.009  -2.265 1.00 0.67 ? 14 LEU A HG   1 
ATOM 216 H HD11 . LEU A 1 14 ? 2.926   -3.944  -3.438 1.00 1.71 ? 14 LEU A HD11 1 
ATOM 217 H HD12 . LEU A 1 14 ? 2.788   -5.700  -3.481 1.00 1.59 ? 14 LEU A HD12 1 
ATOM 218 H HD13 . LEU A 1 14 ? 3.778   -4.924  -2.245 1.00 1.52 ? 14 LEU A HD13 1 
ATOM 219 H HD21 . LEU A 1 14 ? -0.103  -5.979  -2.057 1.00 1.45 ? 14 LEU A HD21 1 
ATOM 220 H HD22 . LEU A 1 14 ? 1.114   -6.604  -0.944 1.00 1.65 ? 14 LEU A HD22 1 
ATOM 221 H HD23 . LEU A 1 14 ? 1.356   -6.746  -2.685 1.00 1.39 ? 14 LEU A HD23 1 
ATOM 222 N N    . LEU A 1 15 ? 2.221   -2.023  -2.573 1.00 0.53 ? 15 LEU A N    1 
ATOM 223 C CA   . LEU A 1 15 ? 2.770   -1.426  -3.822 1.00 0.78 ? 15 LEU A CA   1 
ATOM 224 C C    . LEU A 1 15 ? 3.176   0.012   -3.556 1.00 0.76 ? 15 LEU A C    1 
ATOM 225 O O    . LEU A 1 15 ? 4.326   0.381   -3.686 1.00 0.89 ? 15 LEU A O    1 
ATOM 226 C CB   . LEU A 1 15 ? 1.632   -1.486  -4.842 1.00 0.94 ? 15 LEU A CB   1 
ATOM 227 C CG   . LEU A 1 15 ? 1.288   -2.946  -5.142 1.00 1.19 ? 15 LEU A CG   1 
ATOM 228 C CD1  . LEU A 1 15 ? -0.043  -3.015  -5.892 1.00 1.35 ? 15 LEU A CD1  1 
ATOM 229 C CD2  . LEU A 1 15 ? 2.391   -3.561  -6.006 1.00 1.68 ? 15 LEU A CD2  1 
ATOM 230 H H    . LEU A 1 15 ? 1.253   -2.176  -2.481 1.00 0.46 ? 15 LEU A H    1 
ATOM 231 H HA   . LEU A 1 15 ? 3.607   -1.989  -4.169 1.00 1.00 ? 15 LEU A HA   1 
ATOM 232 H HB2  . LEU A 1 15 ? 0.763   -0.983  -4.443 1.00 0.86 ? 15 LEU A HB2  1 
ATOM 233 H HB3  . LEU A 1 15 ? 1.942   -0.998  -5.754 1.00 1.14 ? 15 LEU A HB3  1 
ATOM 234 H HG   . LEU A 1 15 ? 1.207   -3.495  -4.214 1.00 1.23 ? 15 LEU A HG   1 
ATOM 235 H HD11 . LEU A 1 15 ? 0.129   -2.850  -6.945 1.00 1.66 ? 15 LEU A HD11 1 
ATOM 236 H HD12 . LEU A 1 15 ? -0.709  -2.253  -5.513 1.00 1.83 ? 15 LEU A HD12 1 
ATOM 237 H HD13 . LEU A 1 15 ? -0.488  -3.987  -5.746 1.00 1.73 ? 15 LEU A HD13 1 
ATOM 238 H HD21 . LEU A 1 15 ? 3.243   -2.897  -6.029 1.00 2.14 ? 15 LEU A HD21 1 
ATOM 239 H HD22 . LEU A 1 15 ? 2.022   -3.708  -7.009 1.00 2.15 ? 15 LEU A HD22 1 
ATOM 240 H HD23 . LEU A 1 15 ? 2.688   -4.511  -5.588 1.00 1.92 ? 15 LEU A HD23 1 
ATOM 241 N N    . GLN A 1 16 ? 2.244   0.827   -3.174 1.00 0.73 ? 16 GLN A N    1 
ATOM 242 C CA   . GLN A 1 16 ? 2.589   2.245   -2.889 1.00 0.88 ? 16 GLN A CA   1 
ATOM 243 C C    . GLN A 1 16 ? 3.639   2.294   -1.784 1.00 0.67 ? 16 GLN A C    1 
ATOM 244 O O    . GLN A 1 16 ? 4.626   2.999   -1.869 1.00 0.73 ? 16 GLN A O    1 
ATOM 245 C CB   . GLN A 1 16 ? 1.293   2.916   -2.434 1.00 1.06 ? 16 GLN A CB   1 
ATOM 246 C CG   . GLN A 1 16 ? 1.530   4.417   -2.259 1.00 1.64 ? 16 GLN A CG   1 
ATOM 247 C CD   . GLN A 1 16 ? 0.230   5.090   -1.813 1.00 2.00 ? 16 GLN A CD   1 
ATOM 248 O OE1  . GLN A 1 16 ? -0.477  4.575   -0.970 1.00 2.55 ? 16 GLN A OE1  1 
ATOM 249 N NE2  . GLN A 1 16 ? -0.116  6.229   -2.348 1.00 2.52 ? 16 GLN A NE2  1 
ATOM 250 H H    . GLN A 1 16 ? 1.330   0.501   -3.073 1.00 0.71 ? 16 GLN A H    1 
ATOM 251 H HA   . GLN A 1 16 ? 2.955   2.712   -3.770 1.00 1.09 ? 16 GLN A HA   1 
ATOM 252 H HB2  . GLN A 1 16 ? 0.526   2.755   -3.178 1.00 1.31 ? 16 GLN A HB2  1 
ATOM 253 H HB3  . GLN A 1 16 ? 0.978   2.491   -1.494 1.00 1.29 ? 16 GLN A HB3  1 
ATOM 254 H HG2  . GLN A 1 16 ? 2.293   4.576   -1.511 1.00 2.16 ? 16 GLN A HG2  1 
ATOM 255 H HG3  . GLN A 1 16 ? 1.850   4.843   -3.198 1.00 2.20 ? 16 GLN A HG3  1 
ATOM 256 H HE21 . GLN A 1 16 ? 0.454   6.645   -3.027 1.00 2.77 ? 16 GLN A HE21 1 
ATOM 257 H HE22 . GLN A 1 16 ? -0.947  6.669   -2.068 1.00 3.02 ? 16 GLN A HE22 1 
ATOM 258 N N    . ALA A 1 17 ? 3.428   1.537   -0.755 1.00 0.54 ? 17 ALA A N    1 
ATOM 259 C CA   . ALA A 1 17 ? 4.397   1.508   0.370  1.00 0.50 ? 17 ALA A CA   1 
ATOM 260 C C    . ALA A 1 17 ? 5.721   0.909   -0.104 1.00 0.47 ? 17 ALA A C    1 
ATOM 261 O O    . ALA A 1 17 ? 6.780   1.453   0.138  1.00 0.54 ? 17 ALA A O    1 
ATOM 262 C CB   . ALA A 1 17 ? 3.754   0.618   1.434  1.00 0.68 ? 17 ALA A CB   1 
ATOM 263 H H    . ALA A 1 17 ? 2.635   0.984   -0.726 1.00 0.61 ? 17 ALA A H    1 
ATOM 264 H HA   . ALA A 1 17 ? 4.543   2.498   0.756  1.00 0.61 ? 17 ALA A HA   1 
ATOM 265 H HB1  . ALA A 1 17 ? 4.300   0.714   2.360  1.00 1.11 ? 17 ALA A HB1  1 
ATOM 266 H HB2  . ALA A 1 17 ? 3.778   -0.410  1.106  1.00 1.36 ? 17 ALA A HB2  1 
ATOM 267 H HB3  . ALA A 1 17 ? 2.730   0.924   1.587  1.00 1.26 ? 17 ALA A HB3  1 
ATOM 268 N N    . SER A 1 18 ? 5.674   -0.203  -0.786 1.00 0.56 ? 18 SER A N    1 
ATOM 269 C CA   . SER A 1 18 ? 6.926   -0.819  -1.278 1.00 0.82 ? 18 SER A CA   1 
ATOM 270 C C    . SER A 1 18 ? 7.155   -0.413  -2.725 1.00 0.94 ? 18 SER A C    1 
ATOM 271 O O    . SER A 1 18 ? 7.730   -1.136  -3.513 1.00 1.20 ? 18 SER A O    1 
ATOM 272 C CB   . SER A 1 18 ? 6.726   -2.328  -1.150 1.00 1.02 ? 18 SER A CB   1 
ATOM 273 O OG   . SER A 1 18 ? 7.979   -2.949  -0.898 1.00 1.79 ? 18 SER A OG   1 
ATOM 274 H H    . SER A 1 18 ? 4.823   -0.622  -0.980 1.00 0.53 ? 18 SER A H    1 
ATOM 275 H HA   . SER A 1 18 ? 7.739   -0.496  -0.672 1.00 0.87 ? 18 SER A HA   1 
ATOM 276 H HB2  . SER A 1 18 ? 6.056   -2.537  -0.332 1.00 1.26 ? 18 SER A HB2  1 
ATOM 277 H HB3  . SER A 1 18 ? 6.300   -2.712  -2.068 1.00 1.43 ? 18 SER A HB3  1 
ATOM 278 H HG   . SER A 1 18 ? 8.044   -3.725  -1.458 1.00 2.06 ? 18 SER A HG   1 
ATOM 279 N N    . GLY A 1 19 ? 6.699   0.750   -3.065 1.00 0.86 ? 19 GLY A N    1 
ATOM 280 C CA   . GLY A 1 19 ? 6.870   1.247   -4.461 1.00 1.12 ? 19 GLY A CA   1 
ATOM 281 C C    . GLY A 1 19 ? 6.448   2.717   -4.553 1.00 1.19 ? 19 GLY A C    1 
ATOM 282 O O    . GLY A 1 19 ? 6.067   3.194   -5.603 1.00 1.43 ? 19 GLY A O    1 
ATOM 283 H H    . GLY A 1 19 ? 6.241   1.297   -2.395 1.00 0.69 ? 19 GLY A H    1 
ATOM 284 H HA2  . GLY A 1 19 ? 7.907   1.151   -4.749 1.00 1.32 ? 19 GLY A HA2  1 
ATOM 285 H HA3  . GLY A 1 19 ? 6.256   0.659   -5.128 1.00 1.13 ? 19 GLY A HA3  1 
ATOM 286 N N    . ASN A 1 20 ? 6.517   3.446   -3.469 1.00 1.05 ? 20 ASN A N    1 
ATOM 287 C CA   . ASN A 1 20 ? 6.123   4.884   -3.517 1.00 1.24 ? 20 ASN A CA   1 
ATOM 288 C C    . ASN A 1 20 ? 6.578   5.595   -2.250 1.00 1.16 ? 20 ASN A C    1 
ATOM 289 O O    . ASN A 1 20 ? 7.457   6.433   -2.270 1.00 1.35 ? 20 ASN A O    1 
ATOM 290 C CB   . ASN A 1 20 ? 4.598   4.883   -3.621 1.00 1.30 ? 20 ASN A CB   1 
ATOM 291 C CG   . ASN A 1 20 ? 4.137   6.115   -4.402 1.00 1.72 ? 20 ASN A CG   1 
ATOM 292 O OD1  . ASN A 1 20 ? 4.807   7.128   -4.411 1.00 2.27 ? 20 ASN A OD1  1 
ATOM 293 N ND2  . ASN A 1 20 ? 3.014   6.068   -5.065 1.00 2.14 ? 20 ASN A ND2  1 
ATOM 294 H H    . ASN A 1 20 ? 6.832   3.052   -2.626 1.00 0.87 ? 20 ASN A H    1 
ATOM 295 H HA   . ASN A 1 20 ? 6.546   5.359   -4.376 1.00 1.49 ? 20 ASN A HA   1 
ATOM 296 H HB2  . ASN A 1 20 ? 4.274   3.989   -4.132 1.00 1.29 ? 20 ASN A HB2  1 
ATOM 297 H HB3  . ASN A 1 20 ? 4.170   4.908   -2.630 1.00 1.35 ? 20 ASN A HB3  1 
ATOM 298 H HD21 . ASN A 1 20 ? 2.474   5.250   -5.058 1.00 2.52 ? 20 ASN A HD21 1 
ATOM 299 H HD22 . ASN A 1 20 ? 2.711   6.852   -5.570 1.00 2.44 ? 20 ASN A HD22 1 
ATOM 300 N N    . HIS A 1 21 ? 5.990   5.256   -1.150 1.00 0.98 ? 21 HIS A N    1 
ATOM 301 C CA   . HIS A 1 21 ? 6.383   5.895   0.136  1.00 1.00 ? 21 HIS A CA   1 
ATOM 302 C C    . HIS A 1 21 ? 7.098   4.879   1.017  1.00 0.62 ? 21 HIS A C    1 
ATOM 303 O O    . HIS A 1 21 ? 6.995   4.894   2.229  1.00 0.58 ? 21 HIS A O    1 
ATOM 304 C CB   . HIS A 1 21 ? 5.076   6.355   0.780  1.00 1.32 ? 21 HIS A CB   1 
ATOM 305 C CG   . HIS A 1 21 ? 4.877   7.823   0.520  1.00 1.69 ? 21 HIS A CG   1 
ATOM 306 N ND1  . HIS A 1 21 ? 4.616   8.726   1.538  1.00 2.05 ? 21 HIS A ND1  1 
ATOM 307 C CD2  . HIS A 1 21 ? 4.899   8.561   -0.639 1.00 2.63 ? 21 HIS A CD2  1 
ATOM 308 C CE1  . HIS A 1 21 ? 4.492   9.943   0.978  1.00 2.76 ? 21 HIS A CE1  1 
ATOM 309 N NE2  . HIS A 1 21 ? 4.656   9.899   -0.346 1.00 3.13 ? 21 HIS A NE2  1 
ATOM 310 H H    . HIS A 1 21 ? 5.295   4.573   -1.171 1.00 0.92 ? 21 HIS A H    1 
ATOM 311 H HA   . HIS A 1 21 ? 7.026   6.734   -0.052 1.00 1.27 ? 21 HIS A HA   1 
ATOM 312 H HB2  . HIS A 1 21 ? 4.251   5.800   0.358  1.00 1.72 ? 21 HIS A HB2  1 
ATOM 313 H HB3  . HIS A 1 21 ? 5.118   6.183   1.845  1.00 1.73 ? 21 HIS A HB3  1 
ATOM 314 H HD1  . HIS A 1 21 ? 4.536   8.516   2.492  1.00 2.31 ? 21 HIS A HD1  1 
ATOM 315 H HD2  . HIS A 1 21 ? 5.079   8.163   -1.626 1.00 3.25 ? 21 HIS A HD2  1 
ATOM 316 H HE1  . HIS A 1 21 ? 4.285   10.847  1.533  1.00 3.36 ? 21 HIS A HE1  1 
ATOM 317 N N    . ALA A 1 22 ? 7.831   4.002   0.404  1.00 0.64 ? 22 ALA A N    1 
ATOM 318 C CA   . ALA A 1 22 ? 8.573   2.976   1.178  1.00 0.74 ? 22 ALA A CA   1 
ATOM 319 C C    . ALA A 1 22 ? 9.500   3.662   2.166  1.00 0.76 ? 22 ALA A C    1 
ATOM 320 O O    . ALA A 1 22 ? 9.753   3.176   3.253  1.00 0.84 ? 22 ALA A O    1 
ATOM 321 C CB   . ALA A 1 22 ? 9.368   2.181   0.143  1.00 1.17 ? 22 ALA A CB   1 
ATOM 322 H H    . ALA A 1 22 ? 7.896   4.025   -0.568 1.00 0.82 ? 22 ALA A H    1 
ATOM 323 H HA   . ALA A 1 22 ? 7.889   2.340   1.690  1.00 0.74 ? 22 ALA A HA   1 
ATOM 324 H HB1  . ALA A 1 22 ? 9.133   1.132   0.234  1.00 1.83 ? 22 ALA A HB1  1 
ATOM 325 H HB2  . ALA A 1 22 ? 10.426  2.329   0.310  1.00 1.43 ? 22 ALA A HB2  1 
ATOM 326 H HB3  . ALA A 1 22 ? 9.111   2.524   -0.849 1.00 1.57 ? 22 ALA A HB3  1 
ATOM 327 N N    . ALA A 1 23 ? 9.987   4.806   1.801  1.00 0.89 ? 23 ALA A N    1 
ATOM 328 C CA   . ALA A 1 23 ? 10.882  5.553   2.723  1.00 1.02 ? 23 ALA A CA   1 
ATOM 329 C C    . ALA A 1 23 ? 10.035  6.153   3.825  1.00 0.76 ? 23 ALA A C    1 
ATOM 330 O O    . ALA A 1 23 ? 10.275  5.938   4.999  1.00 0.72 ? 23 ALA A O    1 
ATOM 331 C CB   . ALA A 1 23 ? 11.546  6.636   1.874  1.00 1.41 ? 23 ALA A CB   1 
ATOM 332 H H    . ALA A 1 23 ? 9.744   5.176   0.931  1.00 0.99 ? 23 ALA A H    1 
ATOM 333 H HA   . ALA A 1 23 ? 11.612  4.893   3.142  1.00 1.15 ? 23 ALA A HA   1 
ATOM 334 H HB1  . ALA A 1 23 ? 12.610  6.640   2.061  1.00 1.87 ? 23 ALA A HB1  1 
ATOM 335 H HB2  . ALA A 1 23 ? 11.132  7.601   2.131  1.00 1.73 ? 23 ALA A HB2  1 
ATOM 336 H HB3  . ALA A 1 23 ? 11.366  6.437   0.828  1.00 1.84 ? 23 ALA A HB3  1 
ATOM 337 N N    . GLY A 1 24 ? 9.002   6.851   3.462  1.00 0.83 ? 24 GLY A N    1 
ATOM 338 C CA   . GLY A 1 24 ? 8.105   7.393   4.500  1.00 0.97 ? 24 GLY A CA   1 
ATOM 339 C C    . GLY A 1 24 ? 7.532   6.198   5.262  1.00 0.86 ? 24 GLY A C    1 
ATOM 340 O O    . GLY A 1 24 ? 7.026   6.334   6.359  1.00 1.13 ? 24 GLY A O    1 
ATOM 341 H H    . GLY A 1 24 ? 8.795   6.974   2.512  1.00 0.94 ? 24 GLY A H    1 
ATOM 342 H HA2  . GLY A 1 24 ? 8.664   8.032   5.172  1.00 1.11 ? 24 GLY A HA2  1 
ATOM 343 H HA3  . GLY A 1 24 ? 7.302   7.948   4.042  1.00 1.21 ? 24 GLY A HA3  1 
ATOM 344 N N    . ILE A 1 25 ? 7.634   5.009   4.695  1.00 0.65 ? 25 ILE A N    1 
ATOM 345 C CA   . ILE A 1 25 ? 7.115   3.805   5.401  1.00 0.94 ? 25 ILE A CA   1 
ATOM 346 C C    . ILE A 1 25 ? 8.227   3.219   6.256  1.00 1.05 ? 25 ILE A C    1 
ATOM 347 O O    . ILE A 1 25 ? 8.008   2.730   7.348  1.00 1.40 ? 25 ILE A O    1 
ATOM 348 C CB   . ILE A 1 25 ? 6.703   2.833   4.293  1.00 0.96 ? 25 ILE A CB   1 
ATOM 349 C CG1  . ILE A 1 25 ? 5.362   3.276   3.702  1.00 1.21 ? 25 ILE A CG1  1 
ATOM 350 C CG2  . ILE A 1 25 ? 6.562   1.424   4.873  1.00 1.32 ? 25 ILE A CG2  1 
ATOM 351 C CD1  . ILE A 1 25 ? 4.242   3.004   4.709  1.00 1.75 ? 25 ILE A CD1  1 
ATOM 352 H H    . ILE A 1 25 ? 8.073   4.908   3.815  1.00 0.49 ? 25 ILE A H    1 
ATOM 353 H HA   . ILE A 1 25 ? 6.271   4.060   6.008  1.00 1.23 ? 25 ILE A HA   1 
ATOM 354 H HB   . ILE A 1 25 ? 7.456   2.830   3.519  1.00 0.76 ? 25 ILE A HB   1 
ATOM 355 H HG12 . ILE A 1 25 ? 5.398   4.333   3.479  1.00 1.77 ? 25 ILE A HG12 1 
ATOM 356 H HG13 . ILE A 1 25 ? 5.169   2.723   2.795  1.00 1.58 ? 25 ILE A HG13 1 
ATOM 357 H HG21 . ILE A 1 25 ? 6.379   1.488   5.935  1.00 1.75 ? 25 ILE A HG21 1 
ATOM 358 H HG22 . ILE A 1 25 ? 7.474   0.870   4.698  1.00 1.59 ? 25 ILE A HG22 1 
ATOM 359 H HG23 . ILE A 1 25 ? 5.737   0.919   4.395  1.00 1.87 ? 25 ILE A HG23 1 
ATOM 360 H HD11 . ILE A 1 25 ? 4.269   1.965   5.005  1.00 2.26 ? 25 ILE A HD11 1 
ATOM 361 H HD12 . ILE A 1 25 ? 3.288   3.224   4.255  1.00 2.14 ? 25 ILE A HD12 1 
ATOM 362 H HD13 . ILE A 1 25 ? 4.381   3.630   5.578  1.00 2.30 ? 25 ILE A HD13 1 
ATOM 363 N N    . LEU A 1 26 ? 9.424   3.295   5.767  1.00 0.96 ? 26 LEU A N    1 
ATOM 364 C CA   . LEU A 1 26 ? 10.585  2.780   6.541  1.00 1.28 ? 26 LEU A CA   1 
ATOM 365 C C    . LEU A 1 26 ? 11.134  3.893   7.440  1.00 1.21 ? 26 LEU A C    1 
ATOM 366 O O    . LEU A 1 26 ? 12.066  3.695   8.194  1.00 1.50 ? 26 LEU A O    1 
ATOM 367 C CB   . LEU A 1 26 ? 11.619  2.376   5.489  1.00 1.47 ? 26 LEU A CB   1 
ATOM 368 C CG   . LEU A 1 26 ? 11.511  0.875   5.216  1.00 2.09 ? 26 LEU A CG   1 
ATOM 369 C CD1  . LEU A 1 26 ? 12.216  0.542   3.900  1.00 2.56 ? 26 LEU A CD1  1 
ATOM 370 C CD2  . LEU A 1 26 ? 12.175  0.101   6.358  1.00 2.82 ? 26 LEU A CD2  1 
ATOM 371 H H    . LEU A 1 26 ? 9.560   3.716   4.897  1.00 0.83 ? 26 LEU A H    1 
ATOM 372 H HA   . LEU A 1 26 ? 10.297  1.925   7.129  1.00 1.55 ? 26 LEU A HA   1 
ATOM 373 H HB2  . LEU A 1 26 ? 11.436  2.922   4.576  1.00 1.62 ? 26 LEU A HB2  1 
ATOM 374 H HB3  . LEU A 1 26 ? 12.610  2.602   5.853  1.00 1.82 ? 26 LEU A HB3  1 
ATOM 375 H HG   . LEU A 1 26 ? 10.470  0.595   5.147  1.00 2.34 ? 26 LEU A HG   1 
ATOM 376 H HD11 . LEU A 1 26 ? 13.186  1.017   3.882  1.00 2.85 ? 26 LEU A HD11 1 
ATOM 377 H HD12 . LEU A 1 26 ? 11.623  0.902   3.073  1.00 2.98 ? 26 LEU A HD12 1 
ATOM 378 H HD13 . LEU A 1 26 ? 12.337  -0.528  3.818  1.00 2.91 ? 26 LEU A HD13 1 
ATOM 379 H HD21 . LEU A 1 26 ? 12.648  -0.787  5.965  1.00 3.26 ? 26 LEU A HD21 1 
ATOM 380 H HD22 . LEU A 1 26 ? 11.427  -0.181  7.084  1.00 3.03 ? 26 LEU A HD22 1 
ATOM 381 H HD23 . LEU A 1 26 ? 12.918  0.725   6.832  1.00 3.30 ? 26 LEU A HD23 1 
ATOM 382 N N    . THR A 1 27 ? 10.555  5.065   7.368  1.00 0.94 ? 27 THR A N    1 
ATOM 383 C CA   . THR A 1 27 ? 11.032  6.193   8.215  1.00 1.06 ? 27 THR A CA   1 
ATOM 384 C C    . THR A 1 27 ? 9.934   7.255   8.338  1.00 1.23 ? 27 THR A C    1 
ATOM 385 O O    . THR A 1 27 ? 10.210  8.427   8.500  1.00 1.56 ? 27 THR A O    1 
ATOM 386 C CB   . THR A 1 27 ? 12.247  6.758   7.477  1.00 1.13 ? 27 THR A CB   1 
ATOM 387 O OG1  . THR A 1 27 ? 13.161  5.706   7.200  1.00 1.53 ? 27 THR A OG1  1 
ATOM 388 C CG2  . THR A 1 27 ? 12.930  7.813   8.348  1.00 1.66 ? 27 THR A CG2  1 
ATOM 389 H H    . THR A 1 27 ? 9.804   5.204   6.758  1.00 0.78 ? 27 THR A H    1 
ATOM 390 H HA   . THR A 1 27 ? 11.324  5.836   9.189  1.00 1.24 ? 27 THR A HA   1 
ATOM 391 H HB   . THR A 1 27 ? 11.928  7.212   6.552  1.00 1.63 ? 27 THR A HB   1 
ATOM 392 H HG1  . THR A 1 27 ? 13.569  5.883   6.350  1.00 1.90 ? 27 THR A HG1  1 
ATOM 393 H HG21 . THR A 1 27 ? 13.993  7.627   8.373  1.00 2.06 ? 27 THR A HG21 1 
ATOM 394 H HG22 . THR A 1 27 ? 12.532  7.766   9.351  1.00 2.17 ? 27 THR A HG22 1 
ATOM 395 H HG23 . THR A 1 27 ? 12.746  8.794   7.935  1.00 2.17 ? 27 THR A HG23 1 
ATOM 396 N N    . MET A 1 28 ? 8.690   6.852   8.261  1.00 1.31 ? 28 MET A N    1 
ATOM 397 C CA   . MET A 1 28 ? 7.573   7.837   8.376  1.00 1.72 ? 28 MET A CA   1 
ATOM 398 C C    . MET A 1 28 ? 7.873   8.859   9.477  1.00 2.01 ? 28 MET A C    1 
ATOM 399 O O    . MET A 1 28 ? 8.558   8.500   10.421 1.00 2.42 ? 28 MET A O    1 
ATOM 400 C CB   . MET A 1 28 ? 6.346   7.003   8.747  1.00 2.22 ? 28 MET A CB   1 
ATOM 401 C CG   . MET A 1 28 ? 5.095   7.634   8.134  1.00 2.93 ? 28 MET A CG   1 
ATOM 402 S SD   . MET A 1 28 ? 3.648   7.195   9.130  1.00 3.89 ? 28 MET A SD   1 
ATOM 403 C CE   . MET A 1 28 ? 3.032   5.871   8.062  1.00 4.55 ? 28 MET A CE   1 
ATOM 404 O OXT  . MET A 1 28 ? 7.413   9.982   9.357  1.00 2.50 ? 28 MET A OXT  1 
ATOM 405 H H    . MET A 1 28 ? 8.491   5.902   8.131  1.00 1.28 ? 28 MET A H    1 
ATOM 406 H HA   . MET A 1 28 ? 7.409   8.334   7.433  1.00 1.97 ? 28 MET A HA   1 
ATOM 407 H HB2  . MET A 1 28 ? 6.466   5.998   8.367  1.00 2.48 ? 28 MET A HB2  1 
ATOM 408 H HB3  . MET A 1 28 ? 6.242   6.972   9.821  1.00 2.40 ? 28 MET A HB3  1 
ATOM 409 H HG2  . MET A 1 28 ? 5.206   8.708   8.115  1.00 3.13 ? 28 MET A HG2  1 
ATOM 410 H HG3  . MET A 1 28 ? 4.963   7.268   7.127  1.00 3.31 ? 28 MET A HG3  1 
ATOM 411 H HE1  . MET A 1 28 ? 3.819   5.554   7.391  1.00 4.90 ? 28 MET A HE1  1 
ATOM 412 H HE2  . MET A 1 28 ? 2.196   6.231   7.485  1.00 4.76 ? 28 MET A HE2  1 
ATOM 413 H HE3  . MET A 1 28 ? 2.714   5.036   8.672  1.00 4.91 ? 28 MET A HE3  1 
# 
